data_4N8V
#
_entry.id   4N8V
#
_cell.length_a   69.550
_cell.length_b   94.670
_cell.length_c   228.440
_cell.angle_alpha   90.00
_cell.angle_beta   90.00
_cell.angle_gamma   90.00
#
_symmetry.space_group_name_H-M   'P 21 21 21'
#
loop_
_entity.id
_entity.type
_entity.pdbx_description
1 polymer 'Killer cell immunoglobulin-like receptor 2DS2'
2 polymer 'HLA class I histocompatibility antigen, A-11 alpha chain'
3 polymer Beta-2-microglobulin
4 polymer 'peptide from Virion membrane protein A14'
5 water water
#
loop_
_entity_poly.entity_id
_entity_poly.type
_entity_poly.pdbx_seq_one_letter_code
_entity_poly.pdbx_strand_id
1 'polypeptide(L)'
;MHEGVHRKPSLLAHPGPLVKSEETVILQCWSDVRFEHFLLHREGKYKDTLHLIGEHHDGVSKANFSIGPMMQDLAGTYRC
YGSVTHSPYQLSAPSDPLDIVITGLYEKPSLSAQPGPTVLAGESVTLSCSSRSSYDMYHLSREGEAHERRFSAGPKVNGT
FQADFPLGPATHGGTYRCFGSFRDSPYEWSNSSDPLLVSVT
;
G,I
2 'polypeptide(L)'
;GSHSMRYFYTSVSRPGRGEPRFIAVGYVDDTQFVRFDSDAASQRMEPRAPWIEQEGPEYWDQETRNVKAQSQTDRVDLGT
LRGYYNQSEDGSHTIQIMYGCDVGPDGRFLRGYRQDAYDGKDYIALNEDLRSWTAADMAAQITKRKWEAAHAAEQQRAYL
EGRCVEWLRRYLENGKETLQRTDPPKTHMTHHPISDHEATLRCWALGFYPAEITLTWQRDGEDQTQDTELVETRPAGDGT
FQKWAAVVVPSGEEQRYTCHVQHEGLPKPLTLRW
;
A,D
3 'polypeptide(L)'
;MIQRTPKIQVYSRHPAENGKSNFLNCYVSGFHPSDIEVDLLKNGERIEKVEHSDLSFSKDWSFYLLYYTEFTPTEKDEYA
CRVNHVTLSQPKIVKWDRDM
;
B,E
4 'polypeptide(L)' MLIYSMWGK C,F
#
# COMPACT_ATOMS: atom_id res chain seq x y z
N LYS A 8 -39.50 29.20 -1.39
CA LYS A 8 -38.75 27.92 -1.20
C LYS A 8 -37.30 28.06 -1.68
N PRO A 9 -36.35 28.25 -0.74
CA PRO A 9 -34.94 28.43 -1.10
C PRO A 9 -34.28 27.24 -1.80
N SER A 10 -33.15 27.50 -2.46
CA SER A 10 -32.35 26.46 -3.09
C SER A 10 -31.14 26.13 -2.19
N LEU A 11 -30.89 24.84 -1.99
CA LEU A 11 -29.83 24.36 -1.11
C LEU A 11 -29.01 23.27 -1.80
N LEU A 12 -27.75 23.57 -2.10
CA LEU A 12 -26.86 22.62 -2.75
C LEU A 12 -25.49 22.58 -2.09
N ALA A 13 -24.76 21.48 -2.33
CA ALA A 13 -23.45 21.25 -1.73
C ALA A 13 -22.34 21.53 -2.73
N HIS A 14 -21.26 22.15 -2.25
CA HIS A 14 -20.10 22.46 -3.07
C HIS A 14 -18.82 21.95 -2.39
N PRO A 15 -18.02 21.12 -3.08
CA PRO A 15 -18.16 20.65 -4.47
C PRO A 15 -19.25 19.59 -4.70
N GLY A 16 -19.67 18.89 -3.64
CA GLY A 16 -20.75 17.92 -3.76
C GLY A 16 -21.14 17.27 -2.44
N PRO A 17 -22.33 16.63 -2.40
CA PRO A 17 -22.86 16.06 -1.17
C PRO A 17 -22.19 14.77 -0.68
N LEU A 18 -21.27 14.21 -1.46
CA LEU A 18 -20.54 13.02 -1.03
C LEU A 18 -19.18 13.48 -0.53
N VAL A 19 -19.00 13.48 0.79
CA VAL A 19 -17.83 14.07 1.42
C VAL A 19 -16.96 12.99 2.06
N LYS A 20 -15.71 12.93 1.64
CA LYS A 20 -14.77 11.96 2.16
C LYS A 20 -14.42 12.30 3.59
N SER A 21 -14.11 11.25 4.35
CA SER A 21 -13.79 11.42 5.77
C SER A 21 -12.76 12.53 5.97
N GLU A 22 -13.04 13.43 6.91
CA GLU A 22 -12.14 14.53 7.30
C GLU A 22 -12.08 15.74 6.37
N GLU A 23 -12.78 15.69 5.24
CA GLU A 23 -12.78 16.81 4.32
C GLU A 23 -13.88 17.81 4.68
N THR A 24 -13.88 18.97 4.00
CA THR A 24 -14.85 20.06 4.26
C THR A 24 -15.77 20.30 3.04
N VAL A 25 -17.00 20.74 3.31
CA VAL A 25 -17.98 20.98 2.25
C VAL A 25 -18.81 22.23 2.57
N ILE A 26 -19.18 22.99 1.54
CA ILE A 26 -19.98 24.22 1.73
C ILE A 26 -21.42 24.02 1.28
N LEU A 27 -22.36 24.14 2.23
CA LEU A 27 -23.79 24.12 1.91
C LEU A 27 -24.26 25.54 1.65
N GLN A 28 -24.39 25.89 0.37
CA GLN A 28 -24.84 27.21 -0.02
C GLN A 28 -26.36 27.26 -0.02
N CYS A 29 -26.92 28.31 0.56
CA CYS A 29 -28.35 28.56 0.49
C CYS A 29 -28.61 29.77 -0.41
N TRP A 30 -29.50 29.59 -1.39
CA TRP A 30 -29.69 30.55 -2.50
C TRP A 30 -31.17 30.84 -2.69
N SER A 31 -31.49 32.09 -3.01
CA SER A 31 -32.88 32.51 -3.23
C SER A 31 -32.97 33.75 -4.11
N ASP A 32 -33.95 33.79 -5.02
CA ASP A 32 -34.10 34.92 -5.95
C ASP A 32 -34.66 36.15 -5.24
N VAL A 33 -35.63 35.93 -4.35
CA VAL A 33 -36.15 36.99 -3.49
C VAL A 33 -35.18 37.23 -2.32
N ARG A 34 -34.96 38.50 -1.98
CA ARG A 34 -34.08 38.85 -0.85
C ARG A 34 -34.68 38.29 0.45
N PHE A 35 -33.80 37.76 1.30
CA PHE A 35 -34.13 37.23 2.60
C PHE A 35 -33.11 37.94 3.42
N GLU A 36 -33.37 38.07 4.70
CA GLU A 36 -32.41 38.74 5.54
C GLU A 36 -31.77 37.73 6.42
N HIS A 37 -32.34 36.56 6.46
CA HIS A 37 -31.90 35.55 7.38
C HIS A 37 -31.93 34.11 6.86
N PHE A 38 -30.92 33.33 7.19
CA PHE A 38 -30.88 31.94 6.74
C PHE A 38 -30.66 30.99 7.91
N LEU A 39 -31.44 29.92 7.92
CA LEU A 39 -31.27 28.85 8.90
C LEU A 39 -31.02 27.54 8.17
N LEU A 40 -30.06 26.77 8.69
CA LEU A 40 -29.72 25.47 8.17
C LEU A 40 -30.00 24.46 9.26
N HIS A 41 -30.97 23.60 9.03
CA HIS A 41 -31.33 22.59 10.03
C HIS A 41 -30.92 21.20 9.53
N ARG A 42 -30.19 20.48 10.38
CA ARG A 42 -29.92 19.07 10.17
C ARG A 42 -30.89 18.28 11.04
N GLU A 43 -31.55 17.29 10.44
CA GLU A 43 -32.47 16.44 11.19
C GLU A 43 -31.89 15.04 11.37
N GLY A 44 -32.46 14.29 12.32
CA GLY A 44 -32.00 12.96 12.65
C GLY A 44 -31.67 12.83 14.13
N LYS A 45 -30.50 12.26 14.42
CA LYS A 45 -30.07 12.00 15.80
C LYS A 45 -29.08 13.05 16.32
N TYR A 46 -28.55 13.87 15.42
CA TYR A 46 -27.65 14.96 15.81
C TYR A 46 -28.24 16.28 15.33
N LYS A 47 -29.50 16.53 15.69
CA LYS A 47 -30.20 17.74 15.24
C LYS A 47 -29.46 19.01 15.65
N ASP A 48 -29.46 20.00 14.76
CA ASP A 48 -28.74 21.25 14.98
C ASP A 48 -29.19 22.30 13.97
N THR A 49 -29.18 23.56 14.37
CA THR A 49 -29.47 24.69 13.48
C THR A 49 -28.31 25.66 13.51
N LEU A 50 -27.79 25.99 12.32
CA LEU A 50 -26.79 27.03 12.17
C LEU A 50 -27.50 28.28 11.67
N HIS A 51 -27.09 29.44 12.18
CA HIS A 51 -27.67 30.72 11.78
C HIS A 51 -26.62 31.49 10.98
N LEU A 52 -27.06 32.22 9.97
CA LEU A 52 -26.18 33.06 9.15
C LEU A 52 -26.98 34.22 8.54
N ILE A 53 -26.33 35.35 8.33
CA ILE A 53 -27.01 36.54 7.78
C ILE A 53 -27.04 36.55 6.24
N GLY A 54 -25.90 36.27 5.64
CA GLY A 54 -25.78 36.31 4.18
C GLY A 54 -25.38 37.67 3.62
N GLU A 55 -25.91 38.00 2.44
CA GLU A 55 -25.47 39.16 1.68
C GLU A 55 -26.41 39.48 0.52
N HIS A 56 -26.41 40.73 0.05
CA HIS A 56 -27.26 41.18 -1.08
C HIS A 56 -28.71 40.81 -0.88
N SER A 61 -29.51 37.19 -3.11
CA SER A 61 -29.08 37.03 -1.72
C SER A 61 -28.87 35.56 -1.30
N LYS A 62 -27.77 35.32 -0.58
CA LYS A 62 -27.32 33.95 -0.29
C LYS A 62 -26.49 33.82 0.99
N ALA A 63 -26.29 32.57 1.43
CA ALA A 63 -25.45 32.25 2.60
C ALA A 63 -24.57 31.01 2.36
N ASN A 64 -23.43 30.96 3.04
CA ASN A 64 -22.47 29.88 2.89
C ASN A 64 -22.14 29.21 4.21
N PHE A 65 -22.78 28.06 4.44
CA PHE A 65 -22.54 27.29 5.66
C PHE A 65 -21.39 26.31 5.46
N SER A 66 -20.36 26.41 6.29
CA SER A 66 -19.20 25.50 6.21
C SER A 66 -19.39 24.29 7.13
N ILE A 67 -19.31 23.08 6.57
CA ILE A 67 -19.49 21.87 7.38
C ILE A 67 -18.13 21.22 7.63
N GLY A 68 -17.73 21.23 8.91
CA GLY A 68 -16.34 21.04 9.35
C GLY A 68 -15.82 19.66 9.08
N PRO A 69 -14.52 19.43 9.33
CA PRO A 69 -13.89 18.19 8.91
C PRO A 69 -14.83 17.01 9.07
N MET A 70 -15.19 16.38 7.96
CA MET A 70 -16.32 15.45 7.93
C MET A 70 -16.12 14.31 8.93
N MET A 71 -17.12 14.10 9.77
CA MET A 71 -17.27 12.88 10.54
C MET A 71 -18.74 12.46 10.55
N GLN A 72 -19.00 11.23 10.98
CA GLN A 72 -20.31 10.60 10.80
C GLN A 72 -21.45 11.31 11.54
N ASP A 73 -21.12 12.16 12.51
CA ASP A 73 -22.13 12.98 13.21
C ASP A 73 -22.52 14.25 12.43
N LEU A 74 -21.78 14.57 11.37
CA LEU A 74 -22.16 15.68 10.47
C LEU A 74 -22.97 15.20 9.25
N ALA A 75 -23.04 13.88 9.02
CA ALA A 75 -23.81 13.35 7.90
C ALA A 75 -25.30 13.39 8.27
N GLY A 76 -26.15 13.50 7.25
CA GLY A 76 -27.60 13.57 7.49
C GLY A 76 -28.30 14.50 6.54
N THR A 77 -29.60 14.63 6.73
CA THR A 77 -30.41 15.46 5.86
C THR A 77 -30.44 16.89 6.35
N TYR A 78 -30.12 17.80 5.44
CA TYR A 78 -30.18 19.23 5.70
C TYR A 78 -31.34 19.88 4.94
N ARG A 79 -32.02 20.81 5.61
CA ARG A 79 -32.99 21.69 4.97
C ARG A 79 -32.64 23.12 5.34
N CYS A 80 -32.81 24.03 4.40
CA CYS A 80 -32.52 25.43 4.61
C CYS A 80 -33.78 26.28 4.58
N TYR A 81 -33.97 27.12 5.61
CA TYR A 81 -35.10 28.04 5.68
C TYR A 81 -34.65 29.49 5.48
N GLY A 82 -35.63 30.38 5.33
CA GLY A 82 -35.38 31.83 5.25
C GLY A 82 -36.49 32.58 5.97
N SER A 83 -36.21 33.81 6.41
CA SER A 83 -37.21 34.59 7.16
C SER A 83 -36.94 36.09 7.23
N VAL A 84 -37.95 36.85 7.65
CA VAL A 84 -37.79 38.30 7.72
C VAL A 84 -38.89 38.98 8.52
N THR A 85 -38.56 39.52 9.70
CA THR A 85 -37.21 39.44 10.28
C THR A 85 -37.26 38.58 11.52
N HIS A 86 -36.30 38.78 12.43
CA HIS A 86 -36.31 38.03 13.67
C HIS A 86 -37.51 37.71 14.52
N SER A 87 -38.19 38.73 15.01
CA SER A 87 -39.50 38.54 15.62
C SER A 87 -40.54 39.38 14.88
N PRO A 88 -41.55 38.73 14.26
CA PRO A 88 -41.78 37.29 14.22
C PRO A 88 -40.88 36.57 13.21
N TYR A 89 -40.43 35.36 13.57
CA TYR A 89 -39.70 34.51 12.64
C TYR A 89 -40.63 34.02 11.53
N GLN A 90 -40.86 34.85 10.53
CA GLN A 90 -41.69 34.48 9.39
C GLN A 90 -40.93 33.49 8.51
N LEU A 91 -40.96 32.23 8.93
CA LEU A 91 -40.14 31.17 8.33
C LEU A 91 -40.69 30.80 6.96
N SER A 92 -39.82 30.76 5.95
CA SER A 92 -40.24 30.40 4.58
C SER A 92 -40.50 28.90 4.50
N ALA A 93 -40.86 28.45 3.30
CA ALA A 93 -41.01 27.02 3.04
C ALA A 93 -39.64 26.37 3.15
N PRO A 94 -39.60 25.12 3.62
CA PRO A 94 -38.32 24.41 3.68
C PRO A 94 -37.80 24.16 2.28
N SER A 95 -36.48 24.24 2.09
CA SER A 95 -35.89 23.90 0.80
C SER A 95 -36.02 22.40 0.54
N ASP A 96 -35.74 21.97 -0.68
CA ASP A 96 -35.61 20.54 -0.95
C ASP A 96 -34.61 19.95 0.03
N PRO A 97 -34.85 18.71 0.51
CA PRO A 97 -33.88 18.10 1.41
C PRO A 97 -32.56 17.93 0.68
N LEU A 98 -31.48 18.01 1.44
CA LEU A 98 -30.15 17.72 0.91
C LEU A 98 -29.49 16.74 1.87
N ASP A 99 -29.20 15.56 1.37
CA ASP A 99 -28.54 14.53 2.16
C ASP A 99 -27.05 14.70 2.00
N ILE A 100 -26.34 14.93 3.11
CA ILE A 100 -24.88 14.97 3.08
C ILE A 100 -24.35 13.69 3.66
N VAL A 101 -23.43 13.07 2.93
CA VAL A 101 -23.02 11.70 3.17
C VAL A 101 -21.52 11.66 3.37
N ILE A 102 -21.09 10.89 4.38
CA ILE A 102 -19.66 10.60 4.56
C ILE A 102 -19.33 9.24 3.94
N THR A 103 -18.29 9.22 3.10
CA THR A 103 -17.82 8.02 2.43
C THR A 103 -16.44 7.61 2.93
N GLY A 104 -16.06 6.37 2.60
CA GLY A 104 -14.69 5.85 2.80
C GLY A 104 -14.52 5.06 4.09
N LEU A 105 -15.61 4.56 4.64
CA LEU A 105 -15.57 3.95 5.96
C LEU A 105 -15.44 2.42 5.93
N TYR A 106 -15.72 1.76 4.82
CA TYR A 106 -15.60 0.28 4.77
C TYR A 106 -15.12 -0.22 3.40
N GLU A 107 -14.94 -1.52 3.27
CA GLU A 107 -14.35 -2.06 2.08
C GLU A 107 -15.23 -1.80 0.89
N LYS A 108 -14.61 -1.49 -0.23
CA LYS A 108 -15.33 -1.09 -1.40
C LYS A 108 -16.03 -2.32 -1.95
N PRO A 109 -17.25 -2.15 -2.49
CA PRO A 109 -17.85 -3.28 -3.19
C PRO A 109 -17.34 -3.39 -4.63
N SER A 110 -17.64 -4.53 -5.26
CA SER A 110 -17.43 -4.68 -6.72
C SER A 110 -18.63 -4.13 -7.53
N LEU A 111 -18.35 -3.62 -8.71
CA LEU A 111 -19.38 -3.14 -9.64
C LEU A 111 -19.16 -3.79 -11.01
N SER A 112 -20.22 -4.30 -11.61
CA SER A 112 -20.11 -5.01 -12.87
C SER A 112 -21.32 -4.74 -13.77
N ALA A 113 -21.15 -4.87 -15.08
CA ALA A 113 -22.23 -4.64 -16.03
C ALA A 113 -22.69 -5.94 -16.70
N GLN A 114 -24.00 -6.06 -16.91
CA GLN A 114 -24.57 -7.15 -17.68
C GLN A 114 -25.48 -6.53 -18.73
N PRO A 115 -25.38 -6.93 -20.01
CA PRO A 115 -24.55 -7.99 -20.61
C PRO A 115 -23.04 -7.74 -20.59
N GLY A 116 -22.65 -6.47 -20.67
CA GLY A 116 -21.27 -6.04 -20.51
C GLY A 116 -21.28 -4.54 -20.41
N PRO A 117 -20.16 -3.93 -20.02
CA PRO A 117 -20.16 -2.47 -19.84
C PRO A 117 -20.21 -1.67 -21.14
N THR A 118 -20.00 -2.32 -22.28
CA THR A 118 -20.20 -1.71 -23.60
C THR A 118 -21.40 -2.36 -24.28
N VAL A 119 -22.22 -1.54 -24.92
CA VAL A 119 -23.49 -2.00 -25.45
C VAL A 119 -23.90 -1.14 -26.67
N LEU A 120 -24.71 -1.69 -27.56
CA LEU A 120 -25.29 -0.91 -28.66
C LEU A 120 -26.36 0.06 -28.11
N ALA A 121 -26.57 1.18 -28.81
CA ALA A 121 -27.64 2.13 -28.44
C ALA A 121 -28.98 1.43 -28.40
N GLY A 122 -29.76 1.71 -27.35
CA GLY A 122 -31.08 1.11 -27.19
C GLY A 122 -31.09 -0.26 -26.54
N GLU A 123 -29.94 -0.86 -26.29
CA GLU A 123 -29.93 -2.13 -25.59
C GLU A 123 -29.92 -1.86 -24.08
N SER A 124 -30.53 -2.76 -23.32
CA SER A 124 -30.64 -2.55 -21.88
C SER A 124 -29.36 -2.90 -21.14
N VAL A 125 -29.19 -2.30 -19.98
CA VAL A 125 -27.98 -2.41 -19.17
C VAL A 125 -28.35 -2.54 -17.70
N THR A 126 -27.63 -3.41 -17.01
CA THR A 126 -27.88 -3.68 -15.61
C THR A 126 -26.53 -3.68 -14.91
N LEU A 127 -26.38 -2.84 -13.89
CA LEU A 127 -25.16 -2.75 -13.12
C LEU A 127 -25.45 -3.40 -11.79
N SER A 128 -24.50 -4.15 -11.27
CA SER A 128 -24.73 -4.89 -10.04
C SER A 128 -23.62 -4.57 -9.09
N CYS A 129 -23.98 -4.43 -7.82
CA CYS A 129 -23.05 -4.16 -6.76
C CYS A 129 -22.95 -5.36 -5.87
N SER A 130 -21.73 -5.75 -5.52
CA SER A 130 -21.50 -6.96 -4.73
C SER A 130 -20.42 -6.81 -3.65
N SER A 131 -20.62 -7.54 -2.58
CA SER A 131 -19.62 -7.59 -1.51
C SER A 131 -19.83 -8.83 -0.64
N ARG A 132 -18.74 -9.25 -0.04
CA ARG A 132 -18.69 -10.25 1.00
C ARG A 132 -19.28 -9.70 2.31
N SER A 133 -19.19 -8.39 2.50
CA SER A 133 -19.72 -7.71 3.69
C SER A 133 -21.22 -7.55 3.61
N SER A 134 -21.86 -7.50 4.77
CA SER A 134 -23.30 -7.61 4.90
C SER A 134 -24.05 -6.26 4.83
N TYR A 135 -23.77 -5.47 3.79
CA TYR A 135 -24.46 -4.20 3.61
C TYR A 135 -25.93 -4.46 3.39
N ASP A 136 -26.78 -3.55 3.88
CA ASP A 136 -28.22 -3.67 3.77
C ASP A 136 -28.73 -3.01 2.51
N MET A 137 -27.89 -2.22 1.87
CA MET A 137 -28.33 -1.34 0.81
C MET A 137 -27.14 -0.85 0.01
N TYR A 138 -27.37 -0.63 -1.29
CA TYR A 138 -26.34 -0.08 -2.17
C TYR A 138 -26.79 1.23 -2.79
N HIS A 139 -25.78 1.99 -3.20
CA HIS A 139 -25.98 3.33 -3.72
C HIS A 139 -25.14 3.43 -5.00
N LEU A 140 -25.79 3.58 -6.14
CA LEU A 140 -25.13 3.77 -7.42
C LEU A 140 -25.13 5.27 -7.86
N SER A 141 -23.95 5.87 -8.03
CA SER A 141 -23.87 7.26 -8.51
C SER A 141 -23.24 7.35 -9.90
N ARG A 142 -23.77 8.23 -10.72
CA ARG A 142 -23.27 8.48 -12.06
C ARG A 142 -22.56 9.86 -12.07
N GLU A 143 -21.46 9.98 -12.81
CA GLU A 143 -20.60 11.15 -12.75
C GLU A 143 -21.34 12.51 -12.88
N GLY A 144 -22.22 12.63 -13.88
CA GLY A 144 -22.92 13.91 -14.12
C GLY A 144 -24.27 14.14 -13.44
N GLU A 145 -24.58 13.39 -12.38
CA GLU A 145 -25.86 13.50 -11.70
C GLU A 145 -25.65 13.78 -10.20
N ALA A 146 -26.55 14.52 -9.58
CA ALA A 146 -26.40 14.90 -8.15
C ALA A 146 -27.00 13.89 -7.20
N HIS A 147 -27.96 13.11 -7.66
CA HIS A 147 -28.54 12.07 -6.82
C HIS A 147 -28.04 10.70 -7.22
N GLU A 148 -28.14 9.78 -6.29
CA GLU A 148 -27.79 8.40 -6.53
C GLU A 148 -29.03 7.55 -6.61
N ARG A 149 -28.96 6.48 -7.38
CA ARG A 149 -29.98 5.43 -7.31
C ARG A 149 -29.62 4.53 -6.15
N ARG A 150 -30.62 4.14 -5.37
CA ARG A 150 -30.39 3.19 -4.29
C ARG A 150 -31.30 1.97 -4.33
N PHE A 151 -30.92 0.92 -3.60
CA PHE A 151 -31.68 -0.32 -3.64
C PHE A 151 -31.15 -1.30 -2.62
N SER A 152 -32.05 -2.05 -1.99
CA SER A 152 -31.67 -2.96 -0.91
C SER A 152 -30.85 -4.12 -1.44
N ALA A 153 -30.02 -4.68 -0.57
CA ALA A 153 -29.24 -5.87 -0.86
C ALA A 153 -30.10 -7.08 -0.68
N GLY A 154 -29.81 -8.13 -1.44
CA GLY A 154 -30.57 -9.36 -1.26
C GLY A 154 -30.07 -10.04 0.01
N PRO A 155 -30.61 -11.22 0.28
CA PRO A 155 -29.99 -12.08 1.27
C PRO A 155 -28.72 -12.70 0.73
N LYS A 156 -27.85 -13.12 1.64
CA LYS A 156 -26.64 -13.89 1.32
C LYS A 156 -26.85 -14.99 0.24
N VAL A 157 -26.09 -14.89 -0.85
CA VAL A 157 -26.10 -15.88 -1.93
C VAL A 157 -24.65 -16.15 -2.32
N ASN A 158 -24.20 -17.40 -2.13
CA ASN A 158 -22.81 -17.77 -2.37
C ASN A 158 -21.86 -16.86 -1.58
N GLY A 159 -22.28 -16.50 -0.38
CA GLY A 159 -21.51 -15.63 0.49
C GLY A 159 -21.36 -14.18 0.07
N THR A 160 -22.15 -13.71 -0.91
CA THR A 160 -22.13 -12.30 -1.25
C THR A 160 -23.50 -11.66 -1.09
N PHE A 161 -23.48 -10.37 -0.80
CA PHE A 161 -24.69 -9.56 -0.72
C PHE A 161 -24.72 -8.62 -1.95
N GLN A 162 -25.84 -8.61 -2.64
CA GLN A 162 -25.89 -7.99 -3.96
C GLN A 162 -27.17 -7.24 -4.27
N ALA A 163 -27.05 -6.19 -5.07
CA ALA A 163 -28.20 -5.45 -5.62
C ALA A 163 -27.97 -5.17 -7.09
N ASP A 164 -29.05 -5.14 -7.84
CA ASP A 164 -29.05 -4.87 -9.28
C ASP A 164 -29.68 -3.51 -9.50
N PHE A 165 -29.12 -2.74 -10.42
CA PHE A 165 -29.74 -1.53 -10.90
C PHE A 165 -29.94 -1.72 -12.39
N PRO A 166 -31.14 -2.15 -12.81
CA PRO A 166 -31.33 -2.08 -14.25
C PRO A 166 -31.54 -0.62 -14.68
N LEU A 167 -30.85 -0.23 -15.76
CA LEU A 167 -30.79 1.14 -16.24
C LEU A 167 -31.69 1.40 -17.45
N GLY A 168 -32.26 0.34 -18.03
CA GLY A 168 -33.05 0.49 -19.24
C GLY A 168 -32.17 0.60 -20.47
N PRO A 169 -32.76 0.99 -21.60
CA PRO A 169 -31.99 1.19 -22.81
C PRO A 169 -30.91 2.29 -22.68
N ALA A 170 -29.74 2.01 -23.23
CA ALA A 170 -28.58 2.88 -23.18
C ALA A 170 -28.66 3.95 -24.28
N THR A 171 -28.39 5.19 -23.90
CA THR A 171 -28.34 6.33 -24.83
C THR A 171 -26.88 6.76 -24.98
N HIS A 172 -26.34 7.27 -23.88
CA HIS A 172 -24.96 7.75 -23.82
C HIS A 172 -24.22 7.05 -22.70
N GLY A 173 -22.94 7.36 -22.61
CA GLY A 173 -22.14 6.71 -21.61
C GLY A 173 -22.53 6.88 -20.16
N GLY A 174 -21.55 6.69 -19.30
CA GLY A 174 -21.69 6.96 -17.91
C GLY A 174 -20.47 6.39 -17.25
N THR A 175 -19.94 7.10 -16.27
CA THR A 175 -18.97 6.53 -15.36
C THR A 175 -19.74 6.35 -14.05
N TYR A 176 -19.77 5.12 -13.57
CA TYR A 176 -20.57 4.77 -12.42
C TYR A 176 -19.66 4.29 -11.31
N ARG A 177 -20.13 4.46 -10.07
CA ARG A 177 -19.45 4.05 -8.87
C ARG A 177 -20.48 3.54 -7.90
N CYS A 178 -20.08 2.60 -7.07
CA CYS A 178 -21.03 1.93 -6.21
C CYS A 178 -20.59 1.93 -4.73
N PHE A 179 -21.52 2.21 -3.82
CA PHE A 179 -21.21 2.30 -2.37
C PHE A 179 -22.14 1.43 -1.55
N GLY A 180 -21.64 0.81 -0.50
CA GLY A 180 -22.48 0.05 0.42
C GLY A 180 -22.76 0.77 1.71
N SER A 181 -23.84 0.39 2.38
CA SER A 181 -24.16 0.93 3.71
C SER A 181 -25.08 0.05 4.55
N PHE A 182 -25.16 0.38 5.84
CA PHE A 182 -25.94 -0.35 6.83
C PHE A 182 -27.18 0.42 7.27
N ARG A 183 -28.23 -0.34 7.59
CA ARG A 183 -29.58 0.19 7.87
C ARG A 183 -29.57 1.32 8.88
N ASP A 184 -28.87 1.13 10.00
CA ASP A 184 -28.98 2.06 11.12
C ASP A 184 -28.13 3.31 10.96
N SER A 185 -27.41 3.41 9.84
CA SER A 185 -26.56 4.56 9.53
C SER A 185 -26.53 4.73 8.01
N PRO A 186 -27.65 5.20 7.43
CA PRO A 186 -27.80 5.29 5.98
C PRO A 186 -27.02 6.41 5.29
N TYR A 187 -26.39 7.29 6.06
CA TYR A 187 -25.57 8.35 5.49
C TYR A 187 -24.09 8.09 5.70
N GLU A 188 -23.74 6.85 6.03
CA GLU A 188 -22.36 6.44 6.27
C GLU A 188 -22.03 5.29 5.30
N TRP A 189 -21.22 5.60 4.29
CA TRP A 189 -21.07 4.74 3.13
C TRP A 189 -19.65 4.24 3.03
N SER A 190 -19.50 3.04 2.48
CA SER A 190 -18.20 2.44 2.25
C SER A 190 -17.37 3.19 1.20
N ASN A 191 -16.10 2.81 1.08
CA ASN A 191 -15.32 3.29 -0.06
C ASN A 191 -16.01 3.08 -1.42
N SER A 192 -15.69 3.98 -2.35
CA SER A 192 -16.13 3.82 -3.74
C SER A 192 -15.64 2.53 -4.38
N SER A 193 -16.51 1.86 -5.11
CA SER A 193 -16.07 0.80 -5.98
C SER A 193 -15.20 1.41 -7.06
N ASP A 194 -14.38 0.59 -7.71
CA ASP A 194 -13.64 1.05 -8.86
C ASP A 194 -14.64 1.66 -9.83
N PRO A 195 -14.37 2.88 -10.32
CA PRO A 195 -15.25 3.42 -11.35
C PRO A 195 -15.42 2.49 -12.59
N LEU A 196 -16.64 2.40 -13.11
CA LEU A 196 -16.96 1.59 -14.29
C LEU A 196 -17.52 2.43 -15.42
N LEU A 197 -16.88 2.32 -16.57
CA LEU A 197 -17.27 3.11 -17.74
C LEU A 197 -18.24 2.31 -18.60
N VAL A 198 -19.42 2.86 -18.82
CA VAL A 198 -20.41 2.27 -19.70
C VAL A 198 -20.38 2.97 -21.04
N SER A 199 -20.02 2.26 -22.10
CA SER A 199 -19.93 2.84 -23.46
C SER A 199 -21.10 2.41 -24.34
N VAL A 200 -21.57 3.35 -25.15
CA VAL A 200 -22.49 3.01 -26.24
C VAL A 200 -21.70 3.02 -27.55
N THR A 201 -21.74 1.89 -28.25
CA THR A 201 -20.94 1.75 -29.45
C THR A 201 -21.54 2.66 -30.53
N LYS B 8 48.45 1.72 0.87
CA LYS B 8 47.15 1.01 0.71
C LYS B 8 45.99 1.89 1.22
N PRO B 9 45.25 2.55 0.29
CA PRO B 9 44.13 3.44 0.67
C PRO B 9 42.98 2.75 1.40
N SER B 10 42.15 3.55 2.07
CA SER B 10 40.94 3.08 2.73
C SER B 10 39.73 3.42 1.87
N LEU B 11 38.84 2.44 1.68
CA LEU B 11 37.67 2.58 0.82
C LEU B 11 36.42 2.08 1.54
N LEU B 12 35.51 2.99 1.86
CA LEU B 12 34.27 2.63 2.56
C LEU B 12 33.07 3.30 1.90
N ALA B 13 31.89 2.75 2.18
CA ALA B 13 30.63 3.23 1.61
C ALA B 13 29.85 4.05 2.63
N HIS B 14 29.23 5.14 2.16
CA HIS B 14 28.42 6.00 3.01
C HIS B 14 27.05 6.24 2.36
N PRO B 15 25.95 5.94 3.07
CA PRO B 15 25.86 5.45 4.46
C PRO B 15 26.26 3.99 4.68
N GLY B 16 26.25 3.18 3.62
CA GLY B 16 26.66 1.77 3.73
C GLY B 16 26.63 1.04 2.40
N PRO B 17 27.29 -0.15 2.35
CA PRO B 17 27.43 -0.91 1.12
C PRO B 17 26.19 -1.68 0.67
N LEU B 18 25.12 -1.66 1.47
CA LEU B 18 23.84 -2.23 1.05
C LEU B 18 22.93 -1.12 0.57
N VAL B 19 22.78 -1.01 -0.75
CA VAL B 19 22.05 0.10 -1.34
C VAL B 19 20.74 -0.34 -1.95
N LYS B 20 19.66 0.27 -1.49
CA LYS B 20 18.34 -0.03 -2.00
C LYS B 20 18.20 0.40 -3.44
N SER B 21 17.38 -0.32 -4.20
CA SER B 21 17.16 -0.02 -5.60
C SER B 21 16.84 1.46 -5.80
N GLU B 22 17.54 2.07 -6.76
CA GLU B 22 17.32 3.47 -7.17
C GLU B 22 17.92 4.55 -6.24
N GLU B 23 18.52 4.14 -5.13
CA GLU B 23 19.13 5.08 -4.20
C GLU B 23 20.57 5.35 -4.57
N THR B 24 21.19 6.32 -3.91
CA THR B 24 22.57 6.74 -4.19
C THR B 24 23.50 6.44 -3.00
N VAL B 25 24.77 6.15 -3.28
CA VAL B 25 25.75 5.86 -2.24
C VAL B 25 27.10 6.48 -2.60
N ILE B 26 27.84 6.94 -1.59
CA ILE B 26 29.14 7.58 -1.82
C ILE B 26 30.28 6.65 -1.40
N LEU B 27 31.10 6.25 -2.37
CA LEU B 27 32.31 5.49 -2.09
C LEU B 27 33.47 6.48 -1.85
N GLN B 28 33.78 6.72 -0.58
CA GLN B 28 34.86 7.62 -0.21
C GLN B 28 36.18 6.86 -0.23
N CYS B 29 37.19 7.47 -0.84
CA CYS B 29 38.54 6.94 -0.81
C CYS B 29 39.40 7.84 0.10
N TRP B 30 40.08 7.23 1.07
CA TRP B 30 40.75 7.94 2.16
C TRP B 30 42.18 7.43 2.32
N SER B 31 43.10 8.33 2.64
CA SER B 31 44.51 7.97 2.83
C SER B 31 45.23 8.99 3.71
N ASP B 32 46.09 8.51 4.62
CA ASP B 32 46.82 9.40 5.53
C ASP B 32 47.94 10.17 4.81
N VAL B 33 48.64 9.49 3.90
CA VAL B 33 49.62 10.14 3.03
C VAL B 33 48.89 10.84 1.87
N ARG B 34 49.34 12.04 1.53
CA ARG B 34 48.75 12.80 0.41
C ARG B 34 48.96 12.03 -0.90
N PHE B 35 47.97 12.04 -1.79
CA PHE B 35 48.06 11.27 -3.03
C PHE B 35 48.06 12.14 -4.28
N GLU B 36 47.02 12.96 -4.42
CA GLU B 36 46.92 13.87 -5.56
C GLU B 36 46.28 13.19 -6.78
N HIS B 37 45.62 12.06 -6.57
CA HIS B 37 44.95 11.33 -7.68
C HIS B 37 44.27 10.06 -7.09
N PHE B 38 43.07 9.71 -7.59
CA PHE B 38 42.31 8.54 -7.14
C PHE B 38 41.62 7.84 -8.29
N LEU B 39 41.73 6.52 -8.31
CA LEU B 39 41.02 5.69 -9.28
C LEU B 39 40.13 4.70 -8.54
N LEU B 40 38.89 4.53 -9.03
CA LEU B 40 37.94 3.58 -8.48
C LEU B 40 37.61 2.57 -9.56
N HIS B 41 37.99 1.31 -9.34
CA HIS B 41 37.77 0.26 -10.31
C HIS B 41 36.72 -0.72 -9.79
N ARG B 42 35.71 -0.97 -10.62
CA ARG B 42 34.75 -2.04 -10.38
C ARG B 42 35.16 -3.22 -11.24
N GLU B 43 35.21 -4.41 -10.64
CA GLU B 43 35.53 -5.64 -11.38
C GLU B 43 34.30 -6.52 -11.54
N GLY B 44 34.36 -7.46 -12.49
CA GLY B 44 33.26 -8.37 -12.77
C GLY B 44 32.86 -8.32 -14.23
N LYS B 45 31.56 -8.19 -14.49
CA LYS B 45 31.01 -8.18 -15.85
C LYS B 45 30.73 -6.77 -16.38
N TYR B 46 30.75 -5.78 -15.50
CA TYR B 46 30.57 -4.39 -15.90
C TYR B 46 31.77 -3.58 -15.44
N LYS B 47 32.96 -4.02 -15.83
CA LYS B 47 34.19 -3.35 -15.42
C LYS B 47 34.23 -1.88 -15.85
N ASP B 48 34.75 -1.02 -14.97
CA ASP B 48 34.79 0.42 -15.21
C ASP B 48 35.73 1.09 -14.21
N THR B 49 36.36 2.19 -14.64
CA THR B 49 37.20 3.02 -13.77
C THR B 49 36.71 4.46 -13.78
N LEU B 50 36.46 5.00 -12.59
CA LEU B 50 36.15 6.42 -12.44
C LEU B 50 37.43 7.13 -11.97
N HIS B 51 37.65 8.35 -12.49
CA HIS B 51 38.81 9.16 -12.12
C HIS B 51 38.36 10.37 -11.32
N LEU B 52 39.14 10.76 -10.32
CA LEU B 52 38.84 11.94 -9.49
C LEU B 52 40.14 12.50 -8.88
N ILE B 53 40.18 13.82 -8.66
CA ILE B 53 41.39 14.48 -8.13
C ILE B 53 41.45 14.48 -6.61
N GLY B 54 40.34 14.85 -5.97
CA GLY B 54 40.28 14.92 -4.51
C GLY B 54 40.65 16.29 -3.95
N GLU B 55 41.29 16.30 -2.78
CA GLU B 55 41.51 17.52 -2.01
C GLU B 55 42.48 17.31 -0.83
N HIS B 56 43.12 18.38 -0.35
CA HIS B 56 44.06 18.32 0.78
C HIS B 56 45.15 17.27 0.58
N SER B 61 44.06 13.67 2.72
CA SER B 61 43.57 13.82 1.36
C SER B 61 42.61 12.69 0.96
N LYS B 62 41.53 13.03 0.25
CA LYS B 62 40.44 12.09 -0.03
C LYS B 62 39.65 12.41 -1.31
N ALA B 63 38.83 11.45 -1.73
CA ALA B 63 37.94 11.61 -2.89
C ALA B 63 36.56 11.01 -2.62
N ASN B 64 35.54 11.56 -3.28
CA ASN B 64 34.15 11.14 -3.10
C ASN B 64 33.50 10.72 -4.43
N PHE B 65 33.45 9.42 -4.66
CA PHE B 65 32.83 8.86 -5.86
C PHE B 65 31.35 8.64 -5.60
N SER B 66 30.49 9.26 -6.40
CA SER B 66 29.04 9.09 -6.28
C SER B 66 28.56 7.97 -7.20
N ILE B 67 27.89 6.97 -6.65
CA ILE B 67 27.41 5.84 -7.43
C ILE B 67 25.91 6.01 -7.65
N GLY B 68 25.56 6.26 -8.92
CA GLY B 68 24.27 6.84 -9.32
C GLY B 68 23.11 5.93 -9.02
N PRO B 69 21.87 6.43 -9.24
CA PRO B 69 20.67 5.70 -8.79
C PRO B 69 20.86 4.20 -8.98
N MET B 70 20.87 3.46 -7.86
CA MET B 70 21.37 2.09 -7.85
C MET B 70 20.59 1.21 -8.82
N MET B 71 21.34 0.52 -9.67
CA MET B 71 20.81 -0.58 -10.46
C MET B 71 21.83 -1.72 -10.47
N GLN B 72 21.39 -2.89 -10.92
CA GLN B 72 22.18 -4.11 -10.78
C GLN B 72 23.51 -4.13 -11.54
N ASP B 73 23.67 -3.22 -12.51
CA ASP B 73 24.94 -3.07 -13.21
C ASP B 73 25.96 -2.24 -12.42
N LEU B 74 25.50 -1.57 -11.36
CA LEU B 74 26.40 -0.83 -10.47
C LEU B 74 26.87 -1.66 -9.26
N ALA B 75 26.25 -2.82 -9.03
CA ALA B 75 26.66 -3.70 -7.92
C ALA B 75 27.93 -4.44 -8.30
N GLY B 76 28.71 -4.84 -7.30
CA GLY B 76 29.95 -5.55 -7.55
C GLY B 76 31.07 -5.14 -6.62
N THR B 77 32.24 -5.70 -6.83
CA THR B 77 33.41 -5.39 -6.01
C THR B 77 34.19 -4.18 -6.52
N TYR B 78 34.39 -3.22 -5.64
CA TYR B 78 35.16 -2.02 -5.93
C TYR B 78 36.51 -2.05 -5.21
N ARG B 79 37.54 -1.61 -5.90
CA ARG B 79 38.86 -1.36 -5.31
C ARG B 79 39.31 0.05 -5.69
N CYS B 80 39.94 0.75 -4.75
CA CYS B 80 40.40 2.12 -4.98
C CYS B 80 41.92 2.20 -4.97
N TYR B 81 42.48 2.82 -6.01
CA TYR B 81 43.93 3.01 -6.12
C TYR B 81 44.30 4.49 -5.93
N GLY B 82 45.59 4.74 -5.79
CA GLY B 82 46.13 6.10 -5.71
C GLY B 82 47.46 6.18 -6.45
N SER B 83 47.85 7.38 -6.90
CA SER B 83 49.09 7.52 -7.66
C SER B 83 49.66 8.93 -7.72
N VAL B 84 50.81 9.06 -8.35
CA VAL B 84 51.33 10.38 -8.69
C VAL B 84 52.52 10.19 -9.60
N THR B 85 52.47 10.68 -10.82
CA THR B 85 51.37 11.44 -11.37
C THR B 85 51.16 10.86 -12.74
N HIS B 86 50.45 11.62 -13.54
CA HIS B 86 49.85 11.26 -14.82
C HIS B 86 50.79 10.32 -15.59
N SER B 87 52.09 10.57 -15.48
CA SER B 87 53.12 9.72 -16.10
C SER B 87 54.46 9.87 -15.35
N PRO B 88 54.97 8.78 -14.74
CA PRO B 88 54.41 7.43 -14.70
C PRO B 88 53.26 7.28 -13.69
N TYR B 89 52.25 6.50 -14.05
CA TYR B 89 51.17 6.15 -13.13
C TYR B 89 51.71 5.24 -12.03
N GLN B 90 52.36 5.83 -11.03
CA GLN B 90 52.88 5.06 -9.90
C GLN B 90 51.70 4.62 -9.02
N LEU B 91 51.06 3.54 -9.45
CA LEU B 91 49.82 3.07 -8.85
C LEU B 91 50.11 2.46 -7.48
N SER B 92 49.36 2.89 -6.46
CA SER B 92 49.56 2.37 -5.11
C SER B 92 49.01 0.96 -5.01
N ALA B 93 49.11 0.38 -3.82
CA ALA B 93 48.51 -0.91 -3.55
C ALA B 93 46.99 -0.77 -3.64
N PRO B 94 46.30 -1.82 -4.12
CA PRO B 94 44.84 -1.77 -4.14
C PRO B 94 44.30 -1.71 -2.72
N SER B 95 43.21 -0.96 -2.52
CA SER B 95 42.56 -0.94 -1.20
C SER B 95 41.91 -2.29 -0.94
N ASP B 96 41.48 -2.50 0.30
CA ASP B 96 40.66 -3.66 0.60
C ASP B 96 39.47 -3.66 -0.37
N PRO B 97 39.05 -4.85 -0.83
CA PRO B 97 37.87 -4.88 -1.69
C PRO B 97 36.67 -4.31 -0.93
N LEU B 98 35.76 -3.70 -1.67
CA LEU B 98 34.49 -3.26 -1.12
C LEU B 98 33.38 -3.76 -2.03
N ASP B 99 32.52 -4.64 -1.51
CA ASP B 99 31.41 -5.15 -2.27
C ASP B 99 30.23 -4.23 -2.09
N ILE B 100 29.71 -3.68 -3.18
CA ILE B 100 28.49 -2.89 -3.12
C ILE B 100 27.35 -3.74 -3.67
N VAL B 101 26.26 -3.77 -2.93
CA VAL B 101 25.16 -4.68 -3.16
C VAL B 101 23.88 -3.88 -3.37
N ILE B 102 23.11 -4.28 -4.37
CA ILE B 102 21.78 -3.74 -4.56
C ILE B 102 20.74 -4.67 -3.93
N THR B 103 19.88 -4.09 -3.11
CA THR B 103 18.80 -4.77 -2.46
C THR B 103 17.44 -4.30 -2.96
N GLY B 104 16.42 -5.09 -2.64
CA GLY B 104 15.01 -4.73 -2.87
C GLY B 104 14.42 -5.27 -4.16
N LEU B 105 15.02 -6.32 -4.71
CA LEU B 105 14.63 -6.79 -6.02
C LEU B 105 13.64 -7.93 -6.00
N TYR B 106 13.48 -8.62 -4.89
CA TYR B 106 12.53 -9.75 -4.82
C TYR B 106 11.86 -9.86 -3.45
N GLU B 107 10.93 -10.80 -3.32
CA GLU B 107 10.13 -10.87 -2.12
C GLU B 107 11.02 -11.17 -0.92
N LYS B 108 10.70 -10.53 0.21
CA LYS B 108 11.54 -10.64 1.38
C LYS B 108 11.40 -12.04 1.91
N PRO B 109 12.49 -12.62 2.42
CA PRO B 109 12.34 -13.88 3.17
C PRO B 109 11.83 -13.65 4.61
N SER B 110 11.42 -14.75 5.26
CA SER B 110 11.17 -14.75 6.70
C SER B 110 12.44 -15.03 7.52
N LEU B 111 12.52 -14.43 8.71
CA LEU B 111 13.65 -14.61 9.62
C LEU B 111 13.11 -14.98 11.01
N SER B 112 13.68 -16.01 11.62
CA SER B 112 13.17 -16.49 12.88
C SER B 112 14.29 -17.00 13.76
N ALA B 113 14.08 -16.97 15.07
CA ALA B 113 15.09 -17.41 16.02
C ALA B 113 14.69 -18.73 16.70
N GLN B 114 15.67 -19.60 16.90
CA GLN B 114 15.47 -20.80 17.71
C GLN B 114 16.58 -20.79 18.75
N PRO B 115 16.25 -21.03 20.04
CA PRO B 115 14.97 -21.40 20.65
C PRO B 115 13.90 -20.32 20.66
N GLY B 116 14.33 -19.06 20.74
CA GLY B 116 13.47 -17.89 20.54
C GLY B 116 14.36 -16.67 20.40
N PRO B 117 13.82 -15.52 20.02
CA PRO B 117 14.68 -14.34 19.83
C PRO B 117 15.19 -13.68 21.10
N THR B 118 14.63 -14.06 22.26
CA THR B 118 15.17 -13.69 23.55
C THR B 118 15.75 -14.95 24.25
N VAL B 119 16.92 -14.80 24.84
CA VAL B 119 17.65 -15.93 25.37
C VAL B 119 18.47 -15.50 26.61
N LEU B 120 18.76 -16.44 27.50
CA LEU B 120 19.69 -16.17 28.60
C LEU B 120 21.14 -16.05 28.06
N ALA B 121 21.99 -15.30 28.76
CA ALA B 121 23.41 -15.19 28.40
C ALA B 121 24.04 -16.57 28.36
N GLY B 122 24.85 -16.82 27.33
CA GLY B 122 25.54 -18.10 27.18
C GLY B 122 24.72 -19.20 26.53
N GLU B 123 23.45 -18.97 26.27
CA GLU B 123 22.67 -19.97 25.55
C GLU B 123 22.85 -19.77 24.04
N SER B 124 22.83 -20.86 23.28
CA SER B 124 23.09 -20.75 21.84
C SER B 124 21.86 -20.28 21.08
N VAL B 125 22.10 -19.68 19.92
CA VAL B 125 21.06 -19.03 19.13
C VAL B 125 21.29 -19.37 17.67
N THR B 126 20.20 -19.66 17.00
CA THR B 126 20.23 -20.02 15.60
C THR B 126 19.13 -19.24 14.90
N LEU B 127 19.53 -18.47 13.88
CA LEU B 127 18.59 -17.68 13.10
C LEU B 127 18.43 -18.40 11.77
N SER B 128 17.21 -18.45 11.26
CA SER B 128 16.95 -19.18 10.04
C SER B 128 16.25 -18.26 9.08
N CYS B 129 16.63 -18.36 7.82
CA CYS B 129 16.03 -17.59 6.74
C CYS B 129 15.24 -18.52 5.86
N SER B 130 14.02 -18.14 5.51
CA SER B 130 13.12 -18.96 4.74
C SER B 130 12.32 -18.22 3.65
N SER B 131 12.04 -18.93 2.57
CA SER B 131 11.22 -18.39 1.51
C SER B 131 10.65 -19.51 0.65
N ARG B 132 9.51 -19.23 0.06
CA ARG B 132 8.91 -20.03 -0.99
C ARG B 132 9.72 -19.93 -2.30
N SER B 133 10.38 -18.80 -2.50
CA SER B 133 11.21 -18.56 -3.69
C SER B 133 12.53 -19.32 -3.61
N SER B 134 13.06 -19.66 -4.77
CA SER B 134 14.17 -20.60 -4.87
C SER B 134 15.56 -19.91 -4.84
N TYR B 135 15.82 -19.12 -3.79
CA TYR B 135 17.15 -18.50 -3.63
C TYR B 135 18.19 -19.58 -3.45
N ASP B 136 19.40 -19.33 -3.95
CA ASP B 136 20.51 -20.24 -3.82
C ASP B 136 21.32 -20.02 -2.55
N MET B 137 21.10 -18.89 -1.92
CA MET B 137 21.97 -18.43 -0.86
C MET B 137 21.28 -17.34 -0.05
N TYR B 138 21.59 -17.30 1.25
CA TYR B 138 21.09 -16.27 2.13
C TYR B 138 22.22 -15.45 2.71
N HIS B 139 21.87 -14.24 3.10
CA HIS B 139 22.83 -13.26 3.62
C HIS B 139 22.22 -12.70 4.91
N LEU B 140 22.84 -12.97 6.06
CA LEU B 140 22.40 -12.43 7.34
C LEU B 140 23.29 -11.22 7.75
N SER B 141 22.71 -10.03 7.91
CA SER B 141 23.46 -8.87 8.40
C SER B 141 23.02 -8.42 9.77
N ARG B 142 24.00 -8.07 10.60
CA ARG B 142 23.78 -7.56 11.94
C ARG B 142 24.05 -6.04 11.94
N GLU B 143 23.25 -5.29 12.68
CA GLU B 143 23.24 -3.82 12.58
C GLU B 143 24.64 -3.19 12.71
N GLY B 144 25.42 -3.58 13.71
CA GLY B 144 26.74 -2.95 13.93
C GLY B 144 27.97 -3.59 13.25
N GLU B 145 27.76 -4.40 12.22
CA GLU B 145 28.89 -5.08 11.57
C GLU B 145 28.90 -4.72 10.08
N ALA B 146 30.10 -4.67 9.50
CA ALA B 146 30.25 -4.23 8.09
C ALA B 146 30.08 -5.37 7.10
N HIS B 147 30.33 -6.60 7.55
CA HIS B 147 30.12 -7.78 6.71
C HIS B 147 28.92 -8.59 7.14
N GLU B 148 28.41 -9.36 6.20
CA GLU B 148 27.30 -10.25 6.46
C GLU B 148 27.79 -11.67 6.53
N ARG B 149 27.10 -12.49 7.32
CA ARG B 149 27.29 -13.94 7.25
C ARG B 149 26.47 -14.44 6.07
N ARG B 150 27.05 -15.34 5.29
CA ARG B 150 26.30 -15.95 4.20
C ARG B 150 26.33 -17.48 4.24
N PHE B 151 25.40 -18.10 3.53
CA PHE B 151 25.26 -19.58 3.59
C PHE B 151 24.25 -20.07 2.59
N SER B 152 24.53 -21.21 1.97
CA SER B 152 23.70 -21.71 0.87
C SER B 152 22.36 -22.18 1.39
N ALA B 153 21.37 -22.15 0.51
CA ALA B 153 20.01 -22.64 0.79
C ALA B 153 19.92 -24.14 0.59
N GLY B 154 19.04 -24.77 1.36
CA GLY B 154 18.71 -26.21 1.26
C GLY B 154 17.21 -26.47 1.14
N PRO B 155 16.78 -27.44 0.29
CA PRO B 155 15.32 -27.63 0.17
C PRO B 155 14.74 -28.37 1.35
N LYS B 156 13.47 -28.10 1.62
CA LYS B 156 12.83 -28.54 2.84
C LYS B 156 11.50 -29.19 2.48
N VAL B 157 11.15 -30.23 3.23
CA VAL B 157 9.95 -31.05 3.03
C VAL B 157 8.73 -30.22 2.60
N ASN B 158 8.42 -29.19 3.37
CA ASN B 158 7.17 -28.45 3.17
C ASN B 158 7.37 -26.97 3.37
N GLY B 159 7.49 -26.19 2.31
CA GLY B 159 8.00 -26.59 0.98
C GLY B 159 8.80 -25.36 0.54
N THR B 160 9.83 -25.06 1.34
CA THR B 160 10.52 -23.76 1.37
C THR B 160 12.01 -23.97 1.19
N PHE B 161 12.72 -22.91 0.84
CA PHE B 161 14.18 -22.93 0.74
C PHE B 161 14.77 -22.17 1.93
N GLN B 162 15.71 -22.81 2.62
CA GLN B 162 16.11 -22.35 3.95
C GLN B 162 17.58 -22.52 4.25
N ALA B 163 18.11 -21.59 5.05
CA ALA B 163 19.46 -21.67 5.60
C ALA B 163 19.42 -21.33 7.07
N ASP B 164 20.30 -21.97 7.84
CA ASP B 164 20.45 -21.74 9.28
C ASP B 164 21.76 -21.02 9.50
N PHE B 165 21.76 -20.06 10.41
CA PHE B 165 23.00 -19.44 10.87
C PHE B 165 23.09 -19.66 12.37
N PRO B 166 23.80 -20.70 12.79
CA PRO B 166 23.96 -20.78 14.24
C PRO B 166 24.98 -19.73 14.66
N LEU B 167 24.65 -18.99 15.73
CA LEU B 167 25.43 -17.83 16.21
C LEU B 167 26.29 -18.12 17.46
N GLY B 168 26.15 -19.30 18.03
CA GLY B 168 26.89 -19.65 19.23
C GLY B 168 26.22 -19.09 20.47
N PRO B 169 26.91 -19.15 21.63
CA PRO B 169 26.39 -18.57 22.84
C PRO B 169 26.19 -17.05 22.71
N ALA B 170 25.07 -16.58 23.24
CA ALA B 170 24.68 -15.18 23.17
C ALA B 170 25.36 -14.35 24.25
N THR B 171 25.89 -13.20 23.85
CA THR B 171 26.51 -12.24 24.76
C THR B 171 25.61 -11.03 24.89
N HIS B 172 25.48 -10.29 23.79
CA HIS B 172 24.65 -9.08 23.70
C HIS B 172 23.66 -9.19 22.57
N GLY B 173 22.80 -8.19 22.48
CA GLY B 173 21.76 -8.23 21.49
C GLY B 173 22.20 -8.32 20.03
N GLY B 174 21.32 -7.86 19.17
CA GLY B 174 21.59 -7.75 17.78
C GLY B 174 20.28 -7.50 17.12
N THR B 175 20.29 -6.65 16.12
CA THR B 175 19.16 -6.53 15.21
C THR B 175 19.67 -7.15 13.91
N TYR B 176 18.94 -8.14 13.43
CA TYR B 176 19.37 -8.90 12.29
C TYR B 176 18.34 -8.71 11.17
N ARG B 177 18.82 -8.84 9.95
CA ARG B 177 18.00 -8.80 8.75
C ARG B 177 18.52 -9.84 7.80
N CYS B 178 17.63 -10.40 6.99
CA CYS B 178 18.00 -11.50 6.14
C CYS B 178 17.63 -11.23 4.68
N PHE B 179 18.53 -11.57 3.77
CA PHE B 179 18.31 -11.33 2.32
C PHE B 179 18.56 -12.59 1.52
N GLY B 180 17.78 -12.80 0.46
CA GLY B 180 18.03 -13.90 -0.46
C GLY B 180 18.69 -13.49 -1.76
N SER B 181 19.36 -14.43 -2.43
CA SER B 181 19.93 -14.17 -3.75
C SER B 181 20.17 -15.44 -4.59
N PHE B 182 20.42 -15.22 -5.89
CA PHE B 182 20.61 -16.26 -6.90
C PHE B 182 22.08 -16.35 -7.34
N ARG B 183 22.49 -17.57 -7.65
CA ARG B 183 23.88 -17.91 -7.94
C ARG B 183 24.56 -16.97 -8.95
N ASP B 184 23.91 -16.72 -10.08
CA ASP B 184 24.56 -16.01 -11.17
C ASP B 184 24.56 -14.49 -11.01
N SER B 185 24.02 -14.01 -9.90
CA SER B 185 24.02 -12.58 -9.59
C SER B 185 24.09 -12.41 -8.06
N PRO B 186 25.27 -12.66 -7.49
CA PRO B 186 25.45 -12.70 -6.03
C PRO B 186 25.46 -11.33 -5.33
N TYR B 187 25.46 -10.24 -6.10
CA TYR B 187 25.40 -8.90 -5.51
C TYR B 187 24.02 -8.28 -5.68
N GLU B 188 23.04 -9.12 -6.00
CA GLU B 188 21.67 -8.66 -6.28
C GLU B 188 20.74 -9.39 -5.34
N TRP B 189 20.22 -8.68 -4.36
CA TRP B 189 19.60 -9.29 -3.21
C TRP B 189 18.14 -8.89 -3.12
N SER B 190 17.31 -9.78 -2.57
CA SER B 190 15.90 -9.50 -2.32
C SER B 190 15.68 -8.28 -1.41
N ASN B 191 14.43 -7.96 -1.16
CA ASN B 191 14.07 -7.11 -0.01
C ASN B 191 14.53 -7.68 1.34
N SER B 192 14.81 -6.77 2.27
CA SER B 192 15.11 -7.14 3.66
C SER B 192 13.96 -7.87 4.31
N SER B 193 14.27 -8.92 5.07
CA SER B 193 13.28 -9.51 5.95
C SER B 193 12.97 -8.49 7.02
N ASP B 194 11.84 -8.66 7.69
CA ASP B 194 11.51 -7.83 8.82
C ASP B 194 12.68 -7.91 9.79
N PRO B 195 13.18 -6.76 10.26
CA PRO B 195 14.25 -6.83 11.25
C PRO B 195 13.86 -7.65 12.50
N LEU B 196 14.79 -8.47 13.01
CA LEU B 196 14.57 -9.29 14.19
C LEU B 196 15.52 -8.91 15.30
N LEU B 197 14.94 -8.59 16.46
CA LEU B 197 15.73 -8.18 17.62
C LEU B 197 16.02 -9.37 18.51
N VAL B 198 17.30 -9.63 18.72
CA VAL B 198 17.73 -10.69 19.62
C VAL B 198 18.12 -10.06 20.95
N SER B 199 17.42 -10.41 22.02
CA SER B 199 17.72 -9.93 23.38
C SER B 199 18.37 -10.98 24.28
N VAL B 200 19.32 -10.54 25.10
CA VAL B 200 19.87 -11.36 26.16
C VAL B 200 19.27 -10.88 27.47
N THR B 201 18.61 -11.79 28.17
CA THR B 201 17.89 -11.42 29.38
C THR B 201 18.92 -11.07 30.44
N GLY C 1 10.43 -14.32 33.21
CA GLY C 1 9.02 -14.73 32.92
C GLY C 1 8.42 -13.96 31.76
N SER C 2 7.10 -14.02 31.65
CA SER C 2 6.38 -13.29 30.63
C SER C 2 6.50 -11.77 30.80
N HIS C 3 6.20 -11.04 29.74
CA HIS C 3 6.03 -9.59 29.82
C HIS C 3 4.83 -9.20 28.97
N SER C 4 4.35 -7.98 29.17
CA SER C 4 3.19 -7.52 28.46
C SER C 4 3.25 -6.04 28.20
N MET C 5 2.60 -5.64 27.11
CA MET C 5 2.28 -4.25 26.87
C MET C 5 0.77 -4.10 26.77
N ARG C 6 0.25 -3.03 27.39
CA ARG C 6 -1.17 -2.80 27.49
C ARG C 6 -1.46 -1.32 27.38
N TYR C 7 -2.48 -0.99 26.59
CA TYR C 7 -2.97 0.38 26.54
C TYR C 7 -4.40 0.41 27.07
N PHE C 8 -4.75 1.52 27.72
CA PHE C 8 -6.11 1.70 28.28
C PHE C 8 -6.69 3.06 27.87
N TYR C 9 -7.88 3.08 27.29
CA TYR C 9 -8.57 4.31 26.92
C TYR C 9 -9.87 4.47 27.68
N THR C 10 -10.12 5.67 28.19
CA THR C 10 -11.42 6.01 28.75
C THR C 10 -11.95 7.32 28.16
N SER C 11 -13.21 7.27 27.69
CA SER C 11 -13.96 8.47 27.26
C SER C 11 -15.28 8.58 28.01
N VAL C 12 -15.55 9.76 28.55
CA VAL C 12 -16.74 9.98 29.37
C VAL C 12 -17.50 11.18 28.84
N SER C 13 -18.78 11.00 28.53
CA SER C 13 -19.59 12.11 28.01
C SER C 13 -19.94 13.03 29.19
N ARG C 14 -19.92 14.34 28.93
CA ARG C 14 -20.13 15.36 29.96
C ARG C 14 -21.18 16.36 29.47
N PRO C 15 -22.44 15.91 29.35
CA PRO C 15 -23.49 16.68 28.66
C PRO C 15 -23.58 18.13 29.12
N GLY C 16 -23.43 19.05 28.18
CA GLY C 16 -23.45 20.48 28.47
C GLY C 16 -22.07 21.07 28.75
N ARG C 17 -21.25 20.32 29.48
CA ARG C 17 -19.96 20.78 29.97
C ARG C 17 -18.82 20.50 28.99
N GLY C 18 -19.00 20.91 27.74
CA GLY C 18 -17.99 20.68 26.69
C GLY C 18 -18.01 19.27 26.14
N GLU C 19 -16.95 18.91 25.43
CA GLU C 19 -16.85 17.58 24.83
C GLU C 19 -16.20 16.56 25.80
N PRO C 20 -16.28 15.26 25.47
CA PRO C 20 -15.97 14.22 26.43
C PRO C 20 -14.56 14.23 27.01
N ARG C 21 -14.43 13.66 28.21
CA ARG C 21 -13.15 13.52 28.86
C ARG C 21 -12.45 12.33 28.24
N PHE C 22 -11.23 12.53 27.73
CA PHE C 22 -10.43 11.42 27.20
C PHE C 22 -9.14 11.19 27.96
N ILE C 23 -8.91 9.96 28.39
CA ILE C 23 -7.66 9.60 29.07
C ILE C 23 -7.09 8.28 28.53
N ALA C 24 -5.81 8.31 28.14
CA ALA C 24 -5.16 7.17 27.59
C ALA C 24 -3.89 6.96 28.37
N VAL C 25 -3.61 5.70 28.73
CA VAL C 25 -2.33 5.36 29.35
C VAL C 25 -1.74 4.07 28.77
N GLY C 26 -0.41 3.95 28.83
CA GLY C 26 0.26 2.75 28.38
C GLY C 26 1.16 2.18 29.45
N TYR C 27 1.12 0.85 29.61
CA TYR C 27 1.93 0.14 30.60
C TYR C 27 2.80 -0.89 29.90
N VAL C 28 4.01 -1.09 30.40
CA VAL C 28 4.76 -2.33 30.15
C VAL C 28 4.76 -3.03 31.50
N ASP C 29 4.21 -4.24 31.53
CA ASP C 29 4.01 -4.96 32.76
C ASP C 29 3.28 -4.08 33.78
N ASP C 30 3.79 -3.96 35.00
CA ASP C 30 3.14 -3.14 36.02
C ASP C 30 3.73 -1.71 36.06
N THR C 31 4.48 -1.29 35.04
CA THR C 31 5.07 0.07 35.01
C THR C 31 4.41 0.97 33.94
N GLN C 32 3.85 2.09 34.36
CA GLN C 32 3.28 3.08 33.42
C GLN C 32 4.41 3.85 32.73
N PHE C 33 4.25 4.09 31.43
CA PHE C 33 5.30 4.77 30.67
C PHE C 33 4.87 5.94 29.77
N VAL C 34 3.58 6.07 29.47
CA VAL C 34 3.08 7.19 28.67
C VAL C 34 1.66 7.53 29.09
N ARG C 35 1.23 8.75 28.83
CA ARG C 35 -0.14 9.12 29.07
C ARG C 35 -0.62 10.24 28.15
N PHE C 36 -1.93 10.39 28.07
CA PHE C 36 -2.55 11.52 27.40
C PHE C 36 -3.82 11.87 28.15
N ASP C 37 -4.02 13.16 28.42
CA ASP C 37 -5.23 13.63 29.08
C ASP C 37 -5.74 14.81 28.26
N SER C 38 -7.00 14.72 27.80
CA SER C 38 -7.61 15.76 26.98
C SER C 38 -7.79 17.07 27.74
N ASP C 39 -7.92 16.99 29.06
CA ASP C 39 -8.00 18.18 29.92
C ASP C 39 -6.64 18.78 30.28
N ALA C 40 -5.57 18.00 30.12
CA ALA C 40 -4.22 18.50 30.42
C ALA C 40 -3.85 19.66 29.49
N ALA C 41 -2.76 20.35 29.82
CA ALA C 41 -2.36 21.58 29.13
C ALA C 41 -1.60 21.38 27.83
N SER C 42 -0.66 20.44 27.83
CA SER C 42 0.25 20.27 26.70
C SER C 42 -0.42 19.85 25.40
N GLN C 43 -1.50 19.07 25.53
CA GLN C 43 -2.18 18.44 24.38
C GLN C 43 -1.21 17.57 23.58
N ARG C 44 -0.33 16.89 24.32
CA ARG C 44 0.66 15.99 23.77
C ARG C 44 0.57 14.70 24.54
N MET C 45 0.96 13.60 23.88
CA MET C 45 1.24 12.37 24.58
C MET C 45 2.52 12.58 25.36
N GLU C 46 2.51 12.23 26.64
CA GLU C 46 3.61 12.57 27.55
C GLU C 46 4.31 11.35 28.16
N PRO C 47 5.63 11.46 28.40
CA PRO C 47 6.39 10.35 28.99
C PRO C 47 6.13 10.19 30.47
N ARG C 48 6.19 8.95 30.95
CA ARG C 48 6.00 8.67 32.37
C ARG C 48 7.01 7.68 32.93
N ALA C 49 8.05 7.39 32.15
CA ALA C 49 9.14 6.56 32.59
C ALA C 49 10.38 7.14 31.94
N PRO C 50 11.55 7.06 32.61
CA PRO C 50 12.75 7.66 32.02
C PRO C 50 13.22 7.00 30.72
N TRP C 51 13.01 5.69 30.58
CA TRP C 51 13.57 4.93 29.45
C TRP C 51 12.87 5.23 28.14
N ILE C 52 11.66 5.77 28.19
CA ILE C 52 10.98 6.16 26.97
C ILE C 52 11.34 7.57 26.51
N GLU C 53 11.94 8.37 27.39
CA GLU C 53 12.32 9.73 27.02
C GLU C 53 13.39 9.74 25.93
N GLN C 54 14.06 8.61 25.75
CA GLN C 54 15.07 8.52 24.70
C GLN C 54 14.50 8.50 23.27
N GLU C 55 13.17 8.40 23.11
CA GLU C 55 12.56 8.44 21.77
C GLU C 55 12.48 9.88 21.29
N GLY C 56 12.69 10.08 19.99
CA GLY C 56 12.78 11.43 19.43
C GLY C 56 11.45 12.06 19.11
N PRO C 57 11.48 13.31 18.58
CA PRO C 57 10.27 14.08 18.26
C PRO C 57 9.29 13.39 17.32
N GLU C 58 9.80 12.57 16.41
CA GLU C 58 8.97 11.87 15.42
C GLU C 58 8.06 10.84 16.10
N TYR C 59 8.58 10.18 17.13
CA TYR C 59 7.80 9.29 17.97
C TYR C 59 6.66 10.04 18.65
N TRP C 60 6.97 11.15 19.31
CA TRP C 60 5.98 11.87 20.10
C TRP C 60 4.93 12.56 19.22
N ASP C 61 5.32 12.90 18.00
CA ASP C 61 4.38 13.45 17.02
C ASP C 61 3.37 12.39 16.57
N GLN C 62 3.86 11.19 16.28
CA GLN C 62 3.00 10.10 15.83
C GLN C 62 2.01 9.68 16.91
N GLU C 63 2.54 9.46 18.11
CA GLU C 63 1.72 9.06 19.25
C GLU C 63 0.64 10.08 19.59
N THR C 64 1.00 11.37 19.56
CA THR C 64 0.04 12.47 19.79
C THR C 64 -1.10 12.48 18.77
N ARG C 65 -0.70 12.41 17.50
CA ARG C 65 -1.61 12.41 16.38
C ARG C 65 -2.61 11.24 16.47
N ASN C 66 -2.07 10.03 16.66
CA ASN C 66 -2.91 8.83 16.66
C ASN C 66 -3.90 8.84 17.83
N VAL C 67 -3.45 9.27 19.01
CA VAL C 67 -4.29 9.27 20.19
C VAL C 67 -5.40 10.27 20.06
N LYS C 68 -5.09 11.45 19.52
CA LYS C 68 -6.12 12.46 19.24
C LYS C 68 -7.15 11.95 18.22
N ALA C 69 -6.70 11.21 17.23
CA ALA C 69 -7.64 10.58 16.28
C ALA C 69 -8.52 9.59 17.03
N GLN C 70 -7.90 8.79 17.90
CA GLN C 70 -8.64 7.87 18.76
C GLN C 70 -9.67 8.59 19.62
N SER C 71 -9.34 9.78 20.12
CA SER C 71 -10.25 10.51 21.00
C SER C 71 -11.47 10.99 20.21
N GLN C 72 -11.24 11.35 18.95
CA GLN C 72 -12.33 11.78 18.08
C GLN C 72 -13.27 10.64 17.75
N THR C 73 -12.70 9.51 17.34
CA THR C 73 -13.47 8.27 17.14
C THR C 73 -14.31 7.93 18.36
N ASP C 74 -13.70 8.00 19.53
CA ASP C 74 -14.40 7.75 20.78
C ASP C 74 -15.55 8.75 20.95
N ARG C 75 -15.27 10.03 20.69
CA ARG C 75 -16.27 11.08 20.82
C ARG C 75 -17.50 10.75 19.99
N VAL C 76 -17.31 10.48 18.71
CA VAL C 76 -18.44 10.19 17.79
C VAL C 76 -19.13 8.85 18.15
N ASP C 77 -18.35 7.82 18.50
CA ASP C 77 -18.89 6.53 19.00
C ASP C 77 -19.80 6.73 20.23
N LEU C 78 -19.57 7.77 21.02
CA LEU C 78 -20.48 8.09 22.12
C LEU C 78 -21.86 8.47 21.56
N GLY C 79 -21.88 9.25 20.49
CA GLY C 79 -23.12 9.61 19.82
C GLY C 79 -23.83 8.39 19.24
N THR C 80 -23.06 7.50 18.63
CA THR C 80 -23.61 6.36 17.94
C THR C 80 -24.23 5.39 18.94
N LEU C 81 -23.52 5.13 20.02
CA LEU C 81 -24.03 4.19 21.01
C LEU C 81 -25.23 4.75 21.76
N ARG C 82 -25.26 6.07 21.96
CA ARG C 82 -26.45 6.73 22.53
C ARG C 82 -27.70 6.50 21.66
N GLY C 83 -27.54 6.50 20.35
CA GLY C 83 -28.63 6.23 19.45
C GLY C 83 -29.04 4.76 19.51
N TYR C 84 -28.05 3.87 19.42
CA TYR C 84 -28.33 2.45 19.42
C TYR C 84 -29.25 2.06 20.57
N TYR C 85 -29.02 2.64 21.73
CA TYR C 85 -29.78 2.31 22.96
C TYR C 85 -30.88 3.34 23.27
N ASN C 86 -31.17 4.21 22.30
CA ASN C 86 -32.22 5.22 22.48
C ASN C 86 -32.11 5.98 23.80
N GLN C 87 -30.91 6.45 24.12
CA GLN C 87 -30.69 7.17 25.37
C GLN C 87 -30.78 8.68 25.18
N SER C 88 -31.13 9.38 26.25
CA SER C 88 -31.25 10.83 26.18
C SER C 88 -29.88 11.48 26.14
N GLU C 89 -29.84 12.71 25.63
CA GLU C 89 -28.60 13.49 25.55
C GLU C 89 -28.20 14.14 26.89
N ASP C 90 -28.99 13.92 27.94
CA ASP C 90 -28.77 14.57 29.23
C ASP C 90 -27.77 13.85 30.14
N GLY C 91 -27.67 12.51 29.99
CA GLY C 91 -26.86 11.68 30.90
C GLY C 91 -25.43 11.40 30.45
N SER C 92 -24.55 11.12 31.43
CA SER C 92 -23.15 10.81 31.14
C SER C 92 -22.96 9.32 30.88
N HIS C 93 -22.18 9.02 29.86
CA HIS C 93 -21.92 7.65 29.45
C HIS C 93 -20.43 7.42 29.21
N THR C 94 -20.01 6.16 29.22
CA THR C 94 -18.58 5.89 29.23
C THR C 94 -18.20 4.73 28.30
N ILE C 95 -17.13 4.96 27.52
CA ILE C 95 -16.52 3.91 26.71
C ILE C 95 -15.13 3.63 27.23
N GLN C 96 -14.86 2.34 27.42
CA GLN C 96 -13.55 1.87 27.83
C GLN C 96 -13.01 0.93 26.78
N ILE C 97 -11.71 1.01 26.51
CA ILE C 97 -11.04 0.15 25.55
C ILE C 97 -9.73 -0.33 26.13
N MET C 98 -9.53 -1.65 26.16
CA MET C 98 -8.24 -2.23 26.57
C MET C 98 -7.75 -3.16 25.47
N TYR C 99 -6.47 -3.02 25.12
CA TYR C 99 -5.82 -3.97 24.23
C TYR C 99 -4.34 -4.05 24.58
N GLY C 100 -3.72 -5.14 24.17
CA GLY C 100 -2.27 -5.30 24.26
C GLY C 100 -1.85 -6.72 23.94
N CYS C 101 -0.60 -7.03 24.22
CA CYS C 101 -0.01 -8.32 23.88
C CYS C 101 0.94 -8.81 24.98
N ASP C 102 1.14 -10.12 25.00
CA ASP C 102 2.10 -10.77 25.89
C ASP C 102 3.16 -11.52 25.11
N VAL C 103 4.41 -11.46 25.60
CA VAL C 103 5.48 -12.32 25.12
C VAL C 103 5.98 -13.22 26.24
N GLY C 104 6.41 -14.42 25.87
CA GLY C 104 7.01 -15.35 26.83
C GLY C 104 8.44 -14.98 27.15
N PRO C 105 9.11 -15.78 28.00
CA PRO C 105 10.50 -15.47 28.36
C PRO C 105 11.45 -15.64 27.18
N ASP C 106 11.11 -16.53 26.25
CA ASP C 106 11.85 -16.66 24.98
C ASP C 106 11.55 -15.52 23.97
N GLY C 107 10.66 -14.60 24.34
CA GLY C 107 10.39 -13.42 23.52
C GLY C 107 9.43 -13.66 22.37
N ARG C 108 8.76 -14.82 22.38
CA ARG C 108 7.75 -15.19 21.40
C ARG C 108 6.39 -14.69 21.84
N PHE C 109 5.56 -14.33 20.85
CA PHE C 109 4.18 -13.91 21.06
C PHE C 109 3.37 -15.03 21.73
N LEU C 110 2.75 -14.71 22.86
CA LEU C 110 1.95 -15.63 23.64
C LEU C 110 0.45 -15.38 23.47
N ARG C 111 0.06 -14.12 23.44
CA ARG C 111 -1.28 -13.74 23.00
C ARG C 111 -1.49 -12.24 22.90
N GLY C 112 -2.63 -11.90 22.34
CA GLY C 112 -3.10 -10.54 22.33
C GLY C 112 -4.62 -10.54 22.49
N TYR C 113 -5.15 -9.36 22.69
CA TYR C 113 -6.55 -9.23 23.04
C TYR C 113 -6.96 -7.80 22.79
N ARG C 114 -8.24 -7.62 22.54
CA ARG C 114 -8.83 -6.32 22.56
C ARG C 114 -10.26 -6.48 22.97
N GLN C 115 -10.65 -5.68 23.96
CA GLN C 115 -11.99 -5.69 24.48
C GLN C 115 -12.43 -4.27 24.69
N ASP C 116 -13.68 -4.02 24.33
CA ASP C 116 -14.32 -2.72 24.52
C ASP C 116 -15.54 -2.84 25.45
N ALA C 117 -15.87 -1.73 26.15
CA ALA C 117 -17.02 -1.73 27.05
C ALA C 117 -17.83 -0.46 26.91
N TYR C 118 -19.12 -0.54 27.24
CA TYR C 118 -20.00 0.62 27.29
C TYR C 118 -20.65 0.64 28.64
N ASP C 119 -20.63 1.80 29.28
CA ASP C 119 -21.16 1.95 30.63
C ASP C 119 -20.80 0.80 31.57
N GLY C 120 -19.56 0.33 31.51
CA GLY C 120 -19.06 -0.66 32.47
C GLY C 120 -19.36 -2.11 32.16
N LYS C 121 -19.92 -2.40 30.99
CA LYS C 121 -20.27 -3.78 30.59
C LYS C 121 -19.64 -4.12 29.26
N ASP C 122 -19.32 -5.39 29.09
CA ASP C 122 -18.82 -5.90 27.83
C ASP C 122 -19.68 -5.33 26.70
N TYR C 123 -19.04 -4.77 25.68
CA TYR C 123 -19.77 -4.33 24.51
C TYR C 123 -19.39 -5.19 23.34
N ILE C 124 -18.10 -5.20 22.99
CA ILE C 124 -17.59 -6.07 21.93
C ILE C 124 -16.15 -6.44 22.20
N ALA C 125 -15.79 -7.68 21.90
CA ALA C 125 -14.45 -8.21 22.19
C ALA C 125 -13.89 -9.05 21.04
N LEU C 126 -12.56 -9.06 20.92
CA LEU C 126 -11.90 -9.88 19.91
C LEU C 126 -11.75 -11.29 20.46
N ASN C 127 -12.18 -12.29 19.71
CA ASN C 127 -12.01 -13.69 20.13
C ASN C 127 -10.55 -14.06 20.19
N GLU C 128 -10.26 -15.18 20.84
CA GLU C 128 -8.89 -15.58 21.10
C GLU C 128 -8.13 -16.00 19.85
N ASP C 129 -8.82 -16.33 18.77
CA ASP C 129 -8.13 -16.60 17.49
C ASP C 129 -7.81 -15.33 16.68
N LEU C 130 -8.22 -14.17 17.18
CA LEU C 130 -7.92 -12.85 16.59
C LEU C 130 -8.52 -12.62 15.20
N ARG C 131 -9.49 -13.45 14.80
CA ARG C 131 -10.08 -13.35 13.46
C ARG C 131 -11.54 -12.91 13.46
N SER C 132 -12.16 -12.86 14.62
CA SER C 132 -13.55 -12.44 14.68
C SER C 132 -13.89 -11.85 16.03
N TRP C 133 -15.07 -11.25 16.09
CA TRP C 133 -15.53 -10.57 17.27
C TRP C 133 -16.73 -11.24 17.90
N THR C 134 -16.83 -11.09 19.23
CA THR C 134 -17.96 -11.50 20.02
C THR C 134 -18.66 -10.23 20.50
N ALA C 135 -19.91 -10.05 20.07
CA ALA C 135 -20.76 -8.94 20.47
C ALA C 135 -21.65 -9.36 21.63
N ALA C 136 -21.73 -8.51 22.65
CA ALA C 136 -22.51 -8.81 23.83
C ALA C 136 -24.02 -8.67 23.61
N ASP C 137 -24.43 -7.82 22.66
CA ASP C 137 -25.86 -7.56 22.46
C ASP C 137 -26.17 -7.05 21.04
N MET C 138 -27.43 -6.76 20.78
CA MET C 138 -27.90 -6.40 19.44
C MET C 138 -27.22 -5.12 18.94
N ALA C 139 -27.08 -4.13 19.80
CA ALA C 139 -26.38 -2.89 19.41
C ALA C 139 -24.96 -3.21 18.94
N ALA C 140 -24.24 -4.02 19.70
CA ALA C 140 -22.87 -4.38 19.30
C ALA C 140 -22.81 -5.24 18.04
N GLN C 141 -23.92 -5.89 17.69
CA GLN C 141 -23.97 -6.67 16.46
C GLN C 141 -23.93 -5.79 15.25
N ILE C 142 -24.52 -4.61 15.37
CA ILE C 142 -24.41 -3.60 14.31
C ILE C 142 -22.93 -3.19 14.17
N THR C 143 -22.29 -2.91 15.29
CA THR C 143 -20.85 -2.61 15.30
C THR C 143 -19.99 -3.71 14.69
N LYS C 144 -20.35 -4.96 14.99
CA LYS C 144 -19.66 -6.12 14.44
C LYS C 144 -19.67 -6.16 12.91
N ARG C 145 -20.81 -5.85 12.31
CA ARG C 145 -20.88 -5.97 10.86
C ARG C 145 -20.06 -4.80 10.26
N LYS C 146 -20.17 -3.61 10.85
CA LYS C 146 -19.33 -2.48 10.42
C LYS C 146 -17.86 -2.84 10.49
N TRP C 147 -17.46 -3.46 11.59
CA TRP C 147 -16.06 -3.82 11.81
C TRP C 147 -15.57 -4.93 10.90
N GLU C 148 -16.41 -5.92 10.60
CA GLU C 148 -16.05 -6.95 9.58
C GLU C 148 -15.83 -6.25 8.24
N ALA C 149 -16.75 -5.36 7.87
CA ALA C 149 -16.64 -4.59 6.63
C ALA C 149 -15.41 -3.67 6.59
N ALA C 150 -14.99 -3.18 7.76
CA ALA C 150 -13.82 -2.29 7.84
C ALA C 150 -12.49 -3.03 8.01
N HIS C 151 -12.55 -4.37 8.03
CA HIS C 151 -11.40 -5.24 8.29
C HIS C 151 -10.70 -4.93 9.63
N ALA C 152 -11.48 -4.60 10.65
CA ALA C 152 -10.93 -4.20 11.94
C ALA C 152 -10.13 -5.32 12.59
N ALA C 153 -10.67 -6.54 12.53
CA ALA C 153 -10.04 -7.74 13.06
C ALA C 153 -8.64 -7.95 12.52
N GLU C 154 -8.51 -7.87 11.20
CA GLU C 154 -7.23 -8.08 10.54
C GLU C 154 -6.20 -7.05 10.99
N GLN C 155 -6.63 -5.79 11.07
CA GLN C 155 -5.76 -4.72 11.51
C GLN C 155 -5.34 -4.85 13.00
N GLN C 156 -6.27 -5.22 13.90
CA GLN C 156 -5.87 -5.50 15.30
C GLN C 156 -4.89 -6.66 15.34
N ARG C 157 -5.19 -7.74 14.61
CA ARG C 157 -4.36 -8.93 14.65
C ARG C 157 -2.96 -8.59 14.14
N ALA C 158 -2.88 -7.86 13.02
CA ALA C 158 -1.58 -7.41 12.49
C ALA C 158 -0.83 -6.59 13.51
N TYR C 159 -1.56 -5.69 14.17
CA TYR C 159 -0.96 -4.86 15.19
C TYR C 159 -0.45 -5.71 16.35
N LEU C 160 -1.33 -6.57 16.86
CA LEU C 160 -1.04 -7.37 18.05
C LEU C 160 0.15 -8.33 17.87
N GLU C 161 0.30 -8.88 16.67
CA GLU C 161 1.38 -9.81 16.37
C GLU C 161 2.61 -9.10 15.82
N GLY C 162 2.46 -7.86 15.37
CA GLY C 162 3.53 -7.14 14.74
C GLY C 162 4.12 -6.10 15.66
N ARG C 163 3.71 -4.83 15.48
CA ARG C 163 4.38 -3.75 16.20
C ARG C 163 4.21 -3.81 17.71
N CYS C 164 3.08 -4.29 18.21
CA CYS C 164 2.94 -4.51 19.65
C CYS C 164 4.16 -5.27 20.18
N VAL C 165 4.42 -6.44 19.61
CA VAL C 165 5.49 -7.31 20.06
C VAL C 165 6.85 -6.67 19.84
N GLU C 166 7.04 -6.07 18.67
CA GLU C 166 8.31 -5.45 18.33
C GLU C 166 8.66 -4.30 19.26
N TRP C 167 7.68 -3.45 19.54
CA TRP C 167 7.89 -2.29 20.42
C TRP C 167 8.01 -2.66 21.90
N LEU C 168 7.28 -3.69 22.31
CA LEU C 168 7.37 -4.21 23.67
C LEU C 168 8.79 -4.68 23.88
N ARG C 169 9.33 -5.42 22.91
CA ARG C 169 10.68 -5.97 23.03
C ARG C 169 11.73 -4.86 22.94
N ARG C 170 11.51 -3.90 22.06
CA ARG C 170 12.36 -2.72 22.03
C ARG C 170 12.43 -2.08 23.41
N TYR C 171 11.25 -1.88 24.01
CA TYR C 171 11.15 -1.18 25.30
C TYR C 171 11.83 -1.94 26.41
N LEU C 172 11.61 -3.26 26.47
CA LEU C 172 12.25 -4.11 27.45
C LEU C 172 13.78 -4.03 27.39
N GLU C 173 14.31 -3.89 26.18
CA GLU C 173 15.76 -3.77 26.00
C GLU C 173 16.19 -2.38 26.46
N ASN C 174 15.52 -1.35 25.96
CA ASN C 174 15.91 0.01 26.35
C ASN C 174 15.80 0.22 27.84
N GLY C 175 14.77 -0.32 28.46
CA GLY C 175 14.54 -0.10 29.87
C GLY C 175 14.84 -1.30 30.74
N LYS C 176 15.81 -2.11 30.33
CA LYS C 176 16.02 -3.40 30.98
C LYS C 176 16.45 -3.23 32.43
N GLU C 177 17.18 -2.14 32.70
CA GLU C 177 17.69 -1.88 34.04
C GLU C 177 16.56 -1.85 35.07
N THR C 178 15.45 -1.18 34.74
CA THR C 178 14.30 -1.13 35.64
C THR C 178 13.26 -2.21 35.34
N LEU C 179 12.88 -2.36 34.08
CA LEU C 179 11.82 -3.31 33.71
C LEU C 179 12.17 -4.76 33.99
N GLN C 180 13.43 -5.13 33.89
CA GLN C 180 13.83 -6.53 34.14
C GLN C 180 14.43 -6.72 35.55
N ARG C 181 14.23 -5.74 36.43
CA ARG C 181 14.78 -5.83 37.81
C ARG C 181 14.01 -6.86 38.65
N THR C 182 14.74 -7.72 39.33
CA THR C 182 14.20 -8.53 40.41
C THR C 182 14.18 -7.61 41.65
N ASP C 183 12.98 -7.30 42.17
CA ASP C 183 12.85 -6.43 43.34
C ASP C 183 12.05 -7.14 44.43
N PRO C 184 12.71 -7.93 45.27
CA PRO C 184 12.03 -8.72 46.29
C PRO C 184 11.45 -7.88 47.42
N PRO C 185 10.41 -8.40 48.08
CA PRO C 185 9.82 -7.66 49.21
C PRO C 185 10.72 -7.61 50.43
N LYS C 186 10.80 -6.46 51.07
CA LYS C 186 11.27 -6.39 52.46
C LYS C 186 10.11 -6.90 53.28
N THR C 187 10.39 -7.83 54.19
CA THR C 187 9.33 -8.37 55.00
C THR C 187 9.63 -8.14 56.48
N HIS C 188 8.54 -8.07 57.25
CA HIS C 188 8.63 -7.99 58.70
C HIS C 188 7.24 -8.27 59.26
N MET C 189 7.18 -8.49 60.56
CA MET C 189 5.98 -8.94 61.17
C MET C 189 5.62 -8.00 62.29
N THR C 190 4.33 -7.87 62.56
CA THR C 190 3.84 -7.07 63.69
C THR C 190 2.92 -7.91 64.56
N HIS C 191 2.84 -7.53 65.83
CA HIS C 191 2.14 -8.33 66.82
C HIS C 191 1.52 -7.42 67.86
N HIS C 192 0.19 -7.45 67.95
CA HIS C 192 -0.55 -6.58 68.85
C HIS C 192 -1.63 -7.37 69.59
N PRO C 193 -1.61 -7.31 70.94
CA PRO C 193 -2.72 -7.83 71.75
C PRO C 193 -4.05 -7.22 71.35
N ILE C 194 -5.10 -8.04 71.30
CA ILE C 194 -6.46 -7.57 71.04
C ILE C 194 -7.29 -7.69 72.32
N SER C 195 -7.06 -8.76 73.06
CA SER C 195 -7.60 -8.90 74.42
C SER C 195 -6.54 -9.67 75.21
N ASP C 196 -6.93 -10.25 76.34
CA ASP C 196 -6.00 -11.07 77.12
C ASP C 196 -6.17 -12.57 76.87
N HIS C 197 -6.83 -12.91 75.77
CA HIS C 197 -6.82 -14.29 75.28
C HIS C 197 -6.43 -14.38 73.80
N GLU C 198 -6.20 -13.24 73.15
CA GLU C 198 -5.94 -13.19 71.71
C GLU C 198 -5.00 -12.04 71.30
N ALA C 199 -4.35 -12.20 70.16
CA ALA C 199 -3.52 -11.15 69.57
C ALA C 199 -3.55 -11.22 68.05
N THR C 200 -3.36 -10.06 67.40
CA THR C 200 -3.27 -9.98 65.94
C THR C 200 -1.83 -10.15 65.47
N LEU C 201 -1.66 -10.84 64.35
CA LEU C 201 -0.33 -11.13 63.79
C LEU C 201 -0.41 -10.75 62.33
N ARG C 202 0.35 -9.73 61.93
CA ARG C 202 0.20 -9.18 60.60
C ARG C 202 1.53 -9.27 59.85
N CYS C 203 1.48 -9.91 58.70
CA CYS C 203 2.67 -10.20 57.90
C CYS C 203 2.75 -9.13 56.83
N TRP C 204 3.89 -8.49 56.70
CA TRP C 204 4.02 -7.33 55.81
C TRP C 204 4.95 -7.62 54.64
N ALA C 205 4.55 -7.15 53.44
CA ALA C 205 5.38 -7.21 52.25
C ALA C 205 5.44 -5.80 51.64
N LEU C 206 6.62 -5.19 51.62
CA LEU C 206 6.84 -3.81 51.12
C LEU C 206 7.89 -3.74 50.02
N GLY C 207 7.89 -2.63 49.28
CA GLY C 207 8.91 -2.33 48.27
C GLY C 207 9.11 -3.33 47.13
N PHE C 208 8.11 -4.16 46.81
CA PHE C 208 8.32 -5.22 45.82
C PHE C 208 7.84 -4.86 44.41
N TYR C 209 8.44 -5.50 43.42
CA TYR C 209 8.06 -5.30 42.02
C TYR C 209 8.47 -6.55 41.24
N PRO C 210 7.58 -7.09 40.40
CA PRO C 210 6.21 -6.73 40.10
C PRO C 210 5.23 -7.03 41.22
N ALA C 211 3.98 -6.64 41.00
CA ALA C 211 2.91 -6.72 41.99
C ALA C 211 2.38 -8.14 42.28
N GLU C 212 2.55 -9.08 41.36
CA GLU C 212 2.13 -10.48 41.61
C GLU C 212 2.88 -11.01 42.84
N ILE C 213 2.13 -11.39 43.87
CA ILE C 213 2.68 -11.85 45.14
C ILE C 213 1.65 -12.73 45.83
N THR C 214 2.11 -13.68 46.65
CA THR C 214 1.18 -14.52 47.41
C THR C 214 1.60 -14.50 48.89
N LEU C 215 0.65 -14.20 49.77
CA LEU C 215 0.87 -14.17 51.22
C LEU C 215 -0.11 -15.13 51.84
N THR C 216 0.38 -16.18 52.50
CA THR C 216 -0.51 -17.12 53.20
C THR C 216 -0.06 -17.41 54.64
N TRP C 217 -1.04 -17.59 55.51
CA TRP C 217 -0.84 -17.96 56.90
C TRP C 217 -1.09 -19.46 57.07
N GLN C 218 -0.20 -20.14 57.78
CA GLN C 218 -0.39 -21.55 58.12
C GLN C 218 -0.39 -21.66 59.62
N ARG C 219 -0.95 -22.76 60.11
CA ARG C 219 -0.98 -23.05 61.53
C ARG C 219 -0.71 -24.53 61.72
N ASP C 220 0.47 -24.87 62.25
CA ASP C 220 0.95 -26.25 62.31
C ASP C 220 1.10 -26.84 60.89
N GLY C 221 1.46 -26.00 59.92
CA GLY C 221 1.63 -26.44 58.53
C GLY C 221 0.34 -26.59 57.71
N GLU C 222 -0.81 -26.23 58.27
CA GLU C 222 -2.11 -26.22 57.55
C GLU C 222 -2.53 -24.78 57.25
N ASP C 223 -3.11 -24.58 56.08
CA ASP C 223 -3.57 -23.26 55.66
C ASP C 223 -4.67 -22.72 56.57
N GLN C 224 -4.72 -21.39 56.71
CA GLN C 224 -5.74 -20.73 57.50
C GLN C 224 -6.55 -19.81 56.59
N THR C 225 -7.28 -20.41 55.66
CA THR C 225 -8.05 -19.64 54.69
C THR C 225 -9.11 -18.73 55.33
N GLN C 226 -10.11 -19.31 55.98
CA GLN C 226 -11.30 -18.54 56.41
C GLN C 226 -11.05 -17.35 57.37
N ASP C 227 -10.13 -17.52 58.31
CA ASP C 227 -9.94 -16.55 59.40
C ASP C 227 -8.83 -15.52 59.16
N THR C 228 -8.38 -15.37 57.91
CA THR C 228 -7.28 -14.47 57.59
C THR C 228 -7.74 -13.26 56.81
N GLU C 229 -7.49 -12.06 57.35
CA GLU C 229 -7.77 -10.83 56.62
C GLU C 229 -6.56 -10.46 55.77
N LEU C 230 -6.80 -10.17 54.49
CA LEU C 230 -5.74 -9.67 53.63
C LEU C 230 -6.27 -8.58 52.73
N VAL C 231 -5.43 -7.60 52.44
CA VAL C 231 -5.83 -6.47 51.64
C VAL C 231 -5.38 -6.66 50.19
N GLU C 232 -6.10 -6.01 49.28
CA GLU C 232 -5.72 -5.97 47.90
C GLU C 232 -4.31 -5.36 47.83
N THR C 233 -3.47 -5.92 46.95
CA THR C 233 -2.15 -5.34 46.71
C THR C 233 -2.31 -3.89 46.31
N ARG C 234 -1.38 -3.04 46.71
CA ARG C 234 -1.56 -1.58 46.53
C ARG C 234 -0.29 -0.87 46.11
N PRO C 235 -0.41 0.17 45.29
CA PRO C 235 0.81 0.88 44.87
C PRO C 235 1.37 1.68 46.04
N ALA C 236 2.69 1.76 46.14
CA ALA C 236 3.34 2.53 47.20
C ALA C 236 3.62 3.98 46.78
N GLY C 237 3.45 4.28 45.50
CA GLY C 237 3.67 5.63 45.00
C GLY C 237 4.93 5.82 44.20
N ASP C 238 5.94 4.98 44.46
CA ASP C 238 7.27 5.10 43.86
C ASP C 238 7.59 4.05 42.78
N GLY C 239 6.58 3.36 42.29
CA GLY C 239 6.78 2.24 41.34
C GLY C 239 6.77 0.88 42.02
N THR C 240 6.71 0.86 43.36
CA THR C 240 6.71 -0.43 44.08
C THR C 240 5.34 -0.78 44.64
N PHE C 241 5.22 -1.98 45.17
CA PHE C 241 3.95 -2.46 45.71
C PHE C 241 4.00 -2.92 47.18
N GLN C 242 2.86 -2.85 47.84
CA GLN C 242 2.70 -3.32 49.22
C GLN C 242 1.54 -4.31 49.36
N LYS C 243 1.64 -5.19 50.33
CA LYS C 243 0.50 -6.02 50.70
C LYS C 243 0.72 -6.60 52.11
N TRP C 244 -0.33 -6.69 52.92
CA TRP C 244 -0.25 -7.44 54.15
C TRP C 244 -1.31 -8.54 54.31
N ALA C 245 -1.06 -9.42 55.28
CA ALA C 245 -1.97 -10.51 55.64
C ALA C 245 -2.00 -10.68 57.16
N ALA C 246 -3.17 -10.72 57.74
CA ALA C 246 -3.30 -10.76 59.20
C ALA C 246 -4.13 -11.94 59.70
N VAL C 247 -3.80 -12.42 60.88
CA VAL C 247 -4.53 -13.51 61.52
C VAL C 247 -4.62 -13.26 63.03
N VAL C 248 -5.79 -13.54 63.59
CA VAL C 248 -6.05 -13.41 65.02
C VAL C 248 -5.77 -14.76 65.67
N VAL C 249 -4.91 -14.78 66.67
CA VAL C 249 -4.46 -16.03 67.27
C VAL C 249 -4.68 -16.00 68.77
N PRO C 250 -4.82 -17.19 69.38
CA PRO C 250 -4.85 -17.22 70.85
C PRO C 250 -3.49 -16.87 71.40
N SER C 251 -3.46 -16.20 72.56
CA SER C 251 -2.19 -15.96 73.27
C SER C 251 -1.76 -17.26 73.98
N GLY C 252 -0.49 -17.63 74.00
CA GLY C 252 0.54 -17.26 73.07
C GLY C 252 0.86 -18.54 72.29
N GLU C 253 0.06 -18.75 71.27
CA GLU C 253 0.25 -19.84 70.31
C GLU C 253 0.97 -19.32 69.07
N GLU C 254 1.50 -18.09 69.16
CA GLU C 254 2.16 -17.40 68.06
C GLU C 254 3.14 -18.27 67.28
N GLN C 255 3.89 -19.09 68.00
CA GLN C 255 4.93 -19.92 67.41
C GLN C 255 4.39 -20.94 66.40
N ARG C 256 3.13 -21.32 66.57
CA ARG C 256 2.52 -22.30 65.68
C ARG C 256 2.17 -21.72 64.31
N TYR C 257 2.13 -20.39 64.21
CA TYR C 257 1.71 -19.74 62.97
C TYR C 257 2.90 -19.37 62.10
N THR C 258 2.72 -19.46 60.79
CA THR C 258 3.79 -19.20 59.84
C THR C 258 3.26 -18.47 58.62
N CYS C 259 3.92 -17.37 58.28
CA CYS C 259 3.57 -16.61 57.10
C CYS C 259 4.47 -17.03 55.95
N HIS C 260 3.87 -17.30 54.80
CA HIS C 260 4.61 -17.74 53.59
C HIS C 260 4.49 -16.67 52.51
N VAL C 261 5.63 -16.29 51.96
CA VAL C 261 5.72 -15.22 50.97
C VAL C 261 6.34 -15.73 49.69
N GLN C 262 5.56 -15.73 48.60
CA GLN C 262 6.05 -16.13 47.29
C GLN C 262 6.08 -14.93 46.34
N HIS C 263 7.24 -14.66 45.76
CA HIS C 263 7.41 -13.58 44.79
C HIS C 263 8.59 -13.95 43.91
N GLU C 264 8.51 -13.61 42.61
CA GLU C 264 9.51 -14.07 41.63
C GLU C 264 10.91 -13.49 41.86
N GLY C 265 11.00 -12.36 42.56
CA GLY C 265 12.27 -11.78 42.95
C GLY C 265 12.95 -12.45 44.13
N LEU C 266 12.29 -13.41 44.77
CA LEU C 266 12.87 -14.18 45.87
C LEU C 266 13.51 -15.47 45.37
N PRO C 267 14.79 -15.70 45.70
CA PRO C 267 15.46 -16.97 45.37
C PRO C 267 14.61 -18.18 45.76
N LYS C 268 14.09 -18.15 46.98
CA LYS C 268 13.14 -19.16 47.44
C LYS C 268 12.07 -18.52 48.31
N PRO C 269 10.90 -19.18 48.43
CA PRO C 269 9.83 -18.63 49.29
C PRO C 269 10.26 -18.51 50.76
N LEU C 270 9.91 -17.38 51.38
CA LEU C 270 10.20 -17.14 52.79
C LEU C 270 9.17 -17.76 53.69
N THR C 271 9.62 -18.14 54.87
CA THR C 271 8.73 -18.49 55.95
C THR C 271 9.06 -17.52 57.07
N LEU C 272 8.05 -16.81 57.58
CA LEU C 272 8.24 -15.90 58.71
C LEU C 272 7.47 -16.44 59.88
N ARG C 273 8.07 -16.34 61.06
CA ARG C 273 7.55 -16.93 62.27
C ARG C 273 7.86 -15.99 63.43
N TRP C 274 6.84 -15.66 64.24
CA TRP C 274 7.04 -14.77 65.39
C TRP C 274 7.63 -15.51 66.58
N MET D 1 -26.74 1.77 34.04
CA MET D 1 -27.35 1.08 35.21
C MET D 1 -26.31 0.59 36.23
N ILE D 2 -25.17 0.08 35.73
CA ILE D 2 -24.19 -0.59 36.60
C ILE D 2 -23.44 0.42 37.47
N GLN D 3 -23.42 0.13 38.76
CA GLN D 3 -22.78 1.01 39.73
C GLN D 3 -21.97 0.19 40.71
N ARG D 4 -20.68 0.51 40.81
CA ARG D 4 -19.74 -0.22 41.64
C ARG D 4 -19.26 0.73 42.73
N THR D 5 -19.23 0.22 43.96
CA THR D 5 -18.78 0.98 45.13
C THR D 5 -17.25 0.89 45.30
N PRO D 6 -16.58 2.05 45.46
CA PRO D 6 -15.13 2.03 45.61
C PRO D 6 -14.67 1.35 46.88
N LYS D 7 -13.59 0.59 46.81
CA LYS D 7 -12.85 0.15 47.98
C LYS D 7 -11.76 1.19 48.27
N ILE D 8 -11.39 1.38 49.54
CA ILE D 8 -10.48 2.46 49.93
C ILE D 8 -9.42 1.96 50.88
N GLN D 9 -8.17 2.28 50.58
CA GLN D 9 -7.07 2.01 51.50
C GLN D 9 -6.24 3.29 51.73
N VAL D 10 -6.00 3.59 53.02
CA VAL D 10 -5.22 4.72 53.47
C VAL D 10 -3.96 4.20 54.13
N TYR D 11 -2.80 4.57 53.61
CA TYR D 11 -1.53 4.05 54.11
C TYR D 11 -0.41 5.00 53.75
N SER D 12 0.77 4.77 54.31
CA SER D 12 1.94 5.56 53.99
C SER D 12 2.88 4.74 53.11
N ARG D 13 3.69 5.43 52.31
CA ARG D 13 4.62 4.72 51.42
C ARG D 13 5.62 3.87 52.19
N HIS D 14 6.18 4.42 53.27
CA HIS D 14 7.10 3.69 54.15
C HIS D 14 6.48 3.64 55.55
N PRO D 15 6.91 2.68 56.38
CA PRO D 15 6.45 2.68 57.79
C PRO D 15 6.84 3.99 58.50
N ALA D 16 5.87 4.55 59.21
CA ALA D 16 5.97 5.92 59.71
C ALA D 16 6.91 6.06 60.89
N GLU D 17 7.83 7.00 60.78
CA GLU D 17 8.68 7.40 61.88
C GLU D 17 8.54 8.91 62.05
N ASN D 18 8.13 9.33 63.24
CA ASN D 18 7.91 10.74 63.53
C ASN D 18 9.16 11.58 63.30
N GLY D 19 8.98 12.76 62.72
CA GLY D 19 10.08 13.63 62.31
C GLY D 19 10.66 13.30 60.93
N LYS D 20 10.26 12.17 60.35
CA LYS D 20 10.88 11.71 59.10
C LYS D 20 9.88 11.77 57.95
N SER D 21 10.26 12.48 56.89
CA SER D 21 9.34 12.79 55.79
C SER D 21 8.98 11.54 54.98
N ASN D 22 7.76 11.54 54.46
CA ASN D 22 7.14 10.33 53.92
C ASN D 22 6.12 10.74 52.85
N PHE D 23 5.31 9.80 52.41
CA PHE D 23 4.18 10.13 51.54
C PHE D 23 2.98 9.43 52.09
N LEU D 24 1.83 10.11 52.05
CA LEU D 24 0.57 9.56 52.51
C LEU D 24 -0.30 9.21 51.30
N ASN D 25 -0.88 8.00 51.31
CA ASN D 25 -1.57 7.42 50.17
C ASN D 25 -3.02 7.09 50.46
N CYS D 26 -3.87 7.36 49.48
CA CYS D 26 -5.25 6.90 49.49
C CYS D 26 -5.56 6.28 48.12
N TYR D 27 -5.81 4.97 48.12
CA TYR D 27 -5.94 4.17 46.91
C TYR D 27 -7.39 3.72 46.81
N VAL D 28 -8.05 4.19 45.74
CA VAL D 28 -9.43 3.92 45.48
C VAL D 28 -9.55 3.02 44.26
N SER D 29 -10.24 1.89 44.40
CA SER D 29 -10.36 0.94 43.32
C SER D 29 -11.74 0.33 43.29
N GLY D 30 -12.06 -0.32 42.18
CA GLY D 30 -13.24 -1.17 42.10
C GLY D 30 -14.54 -0.47 41.88
N PHE D 31 -14.47 0.80 41.43
CA PHE D 31 -15.65 1.64 41.27
C PHE D 31 -16.09 1.94 39.85
N HIS D 32 -17.34 2.37 39.73
CA HIS D 32 -17.92 2.78 38.46
C HIS D 32 -19.18 3.54 38.78
N PRO D 33 -19.41 4.70 38.15
CA PRO D 33 -18.65 5.35 37.10
C PRO D 33 -17.40 6.09 37.62
N SER D 34 -16.63 6.67 36.70
CA SER D 34 -15.32 7.21 36.98
C SER D 34 -15.28 8.58 37.67
N ASP D 35 -16.36 9.35 37.58
CA ASP D 35 -16.43 10.61 38.32
C ASP D 35 -16.24 10.31 39.80
N ILE D 36 -15.28 10.98 40.40
CA ILE D 36 -14.99 10.76 41.80
C ILE D 36 -14.14 11.90 42.31
N GLU D 37 -14.24 12.13 43.62
CA GLU D 37 -13.46 13.14 44.29
C GLU D 37 -12.86 12.49 45.53
N VAL D 38 -11.55 12.66 45.70
CA VAL D 38 -10.88 12.13 46.88
C VAL D 38 -9.91 13.17 47.40
N ASP D 39 -10.09 13.50 48.67
CA ASP D 39 -9.30 14.52 49.34
C ASP D 39 -8.62 13.90 50.52
N LEU D 40 -7.43 14.41 50.82
CA LEU D 40 -6.69 13.97 51.98
C LEU D 40 -6.86 15.03 53.07
N LEU D 41 -6.96 14.57 54.31
CA LEU D 41 -7.27 15.43 55.45
C LEU D 41 -6.25 15.32 56.55
N LYS D 42 -5.80 16.49 57.03
CA LYS D 42 -4.94 16.61 58.19
C LYS D 42 -5.78 17.24 59.32
N ASN D 43 -5.93 16.53 60.43
CA ASN D 43 -6.73 17.01 61.57
C ASN D 43 -8.08 17.56 61.13
N GLY D 44 -8.73 16.84 60.22
CA GLY D 44 -10.05 17.20 59.70
C GLY D 44 -10.07 18.31 58.66
N GLU D 45 -8.90 18.75 58.19
CA GLU D 45 -8.84 19.83 57.21
C GLU D 45 -8.12 19.43 55.92
N ARG D 46 -8.63 19.96 54.82
CA ARG D 46 -8.22 19.53 53.50
C ARG D 46 -6.80 19.95 53.18
N ILE D 47 -5.98 18.97 52.80
CA ILE D 47 -4.64 19.24 52.33
C ILE D 47 -4.74 19.70 50.88
N GLU D 48 -3.95 20.71 50.54
CA GLU D 48 -4.18 21.48 49.32
C GLU D 48 -3.40 20.96 48.11
N LYS D 49 -2.15 20.51 48.31
CA LYS D 49 -1.36 19.95 47.21
C LYS D 49 -1.34 18.41 47.25
N VAL D 50 -2.46 17.84 46.82
CA VAL D 50 -2.60 16.41 46.64
C VAL D 50 -2.56 16.11 45.17
N GLU D 51 -1.65 15.22 44.78
CA GLU D 51 -1.59 14.74 43.40
C GLU D 51 -2.22 13.35 43.25
N HIS D 52 -2.48 12.95 42.02
CA HIS D 52 -3.02 11.62 41.75
C HIS D 52 -2.48 11.02 40.47
N SER D 53 -2.62 9.70 40.37
CA SER D 53 -2.22 8.95 39.19
C SER D 53 -3.27 9.12 38.08
N ASP D 54 -2.88 8.76 36.87
CA ASP D 54 -3.79 8.77 35.74
C ASP D 54 -4.83 7.65 35.80
N LEU D 55 -6.09 8.00 35.61
CA LEU D 55 -7.18 7.04 35.64
C LEU D 55 -6.91 5.84 34.75
N SER D 56 -7.04 4.65 35.31
CA SER D 56 -6.94 3.39 34.55
C SER D 56 -7.99 2.42 35.10
N PHE D 57 -7.99 1.17 34.66
CA PHE D 57 -9.03 0.22 35.11
C PHE D 57 -8.63 -1.23 34.96
N SER D 58 -9.37 -2.10 35.65
CA SER D 58 -9.02 -3.52 35.76
C SER D 58 -9.81 -4.35 34.78
N LYS D 59 -9.55 -5.66 34.77
CA LYS D 59 -10.19 -6.63 33.85
C LYS D 59 -11.71 -6.58 33.83
N ASP D 60 -12.30 -6.31 34.99
CA ASP D 60 -13.76 -6.20 35.10
C ASP D 60 -14.29 -4.79 34.78
N TRP D 61 -13.41 -3.93 34.25
CA TRP D 61 -13.71 -2.53 33.88
C TRP D 61 -13.88 -1.56 35.03
N SER D 62 -13.70 -1.99 36.26
CA SER D 62 -13.82 -1.10 37.39
C SER D 62 -12.54 -0.25 37.47
N PHE D 63 -12.68 1.02 37.83
CA PHE D 63 -11.54 1.97 37.86
C PHE D 63 -10.76 1.98 39.17
N TYR D 64 -9.51 2.41 39.07
CA TYR D 64 -8.70 2.69 40.23
C TYR D 64 -7.83 3.93 40.05
N LEU D 65 -7.28 4.41 41.16
CA LEU D 65 -6.68 5.73 41.21
C LEU D 65 -5.92 5.91 42.53
N LEU D 66 -4.71 6.46 42.46
CA LEU D 66 -3.93 6.73 43.65
C LEU D 66 -3.83 8.24 43.86
N TYR D 67 -4.24 8.68 45.04
CA TYR D 67 -4.02 10.05 45.49
C TYR D 67 -2.99 10.05 46.59
N TYR D 68 -2.10 11.04 46.58
CA TYR D 68 -1.02 11.08 47.52
C TYR D 68 -0.48 12.48 47.74
N THR D 69 0.16 12.69 48.90
CA THR D 69 0.83 13.93 49.22
C THR D 69 2.05 13.67 50.09
N GLU D 70 3.08 14.50 49.93
CA GLU D 70 4.27 14.44 50.77
C GLU D 70 3.95 14.99 52.15
N PHE D 71 4.39 14.30 53.20
CA PHE D 71 4.12 14.74 54.56
C PHE D 71 5.14 14.21 55.57
N THR D 72 5.08 14.78 56.77
CA THR D 72 6.01 14.46 57.85
C THR D 72 5.17 14.25 59.11
N PRO D 73 4.99 12.99 59.51
CA PRO D 73 4.05 12.70 60.59
C PRO D 73 4.60 13.03 62.01
N THR D 74 3.67 13.20 62.95
CA THR D 74 3.99 13.43 64.37
C THR D 74 2.92 12.72 65.18
N GLU D 75 3.19 12.43 66.45
CA GLU D 75 2.24 11.64 67.23
C GLU D 75 0.89 12.35 67.37
N LYS D 76 0.94 13.68 67.44
CA LYS D 76 -0.26 14.48 67.58
C LYS D 76 -1.20 14.42 66.37
N ASP D 77 -0.67 14.51 65.15
CA ASP D 77 -1.48 14.72 63.94
C ASP D 77 -2.22 13.49 63.40
N GLU D 78 -3.53 13.63 63.20
CA GLU D 78 -4.37 12.56 62.62
C GLU D 78 -4.60 12.82 61.14
N TYR D 79 -4.56 11.76 60.33
CA TYR D 79 -4.79 11.89 58.89
C TYR D 79 -5.95 11.03 58.42
N ALA D 80 -6.58 11.44 57.33
CA ALA D 80 -7.66 10.64 56.77
C ALA D 80 -7.85 10.87 55.29
N CYS D 81 -8.67 10.03 54.69
CA CYS D 81 -9.01 10.15 53.31
C CYS D 81 -10.53 10.26 53.18
N ARG D 82 -11.02 11.25 52.43
CA ARG D 82 -12.44 11.43 52.16
C ARG D 82 -12.79 11.19 50.70
N VAL D 83 -13.69 10.25 50.44
CA VAL D 83 -14.09 9.87 49.08
C VAL D 83 -15.53 10.27 48.77
N ASN D 84 -15.71 10.99 47.67
CA ASN D 84 -17.02 11.38 47.16
C ASN D 84 -17.41 10.59 45.90
N HIS D 85 -18.49 9.84 45.97
CA HIS D 85 -18.95 9.03 44.84
C HIS D 85 -20.46 8.81 44.87
N VAL D 86 -21.04 8.67 43.68
CA VAL D 86 -22.48 8.52 43.51
C VAL D 86 -23.08 7.32 44.26
N THR D 87 -22.30 6.26 44.45
CA THR D 87 -22.78 5.05 45.18
C THR D 87 -22.73 5.20 46.70
N LEU D 88 -22.23 6.34 47.16
CA LEU D 88 -22.09 6.60 48.57
C LEU D 88 -23.19 7.56 49.01
N SER D 89 -23.98 7.09 49.99
CA SER D 89 -24.99 7.92 50.68
C SER D 89 -24.44 9.33 50.98
N GLN D 90 -23.31 9.37 51.68
CA GLN D 90 -22.59 10.60 51.97
C GLN D 90 -21.10 10.31 51.79
N PRO D 91 -20.29 11.37 51.65
CA PRO D 91 -18.87 11.10 51.56
C PRO D 91 -18.38 10.15 52.68
N LYS D 92 -17.51 9.22 52.34
CA LYS D 92 -16.99 8.23 53.28
C LYS D 92 -15.58 8.60 53.66
N ILE D 93 -15.30 8.56 54.95
CA ILE D 93 -14.03 9.01 55.48
C ILE D 93 -13.34 7.85 56.20
N VAL D 94 -12.06 7.65 55.90
CA VAL D 94 -11.29 6.50 56.42
C VAL D 94 -10.03 7.02 57.07
N LYS D 95 -9.89 6.78 58.38
CA LYS D 95 -8.75 7.30 59.13
C LYS D 95 -7.53 6.48 58.78
N TRP D 96 -6.39 7.14 58.67
CA TRP D 96 -5.12 6.45 58.60
C TRP D 96 -4.78 5.85 59.97
N ASP D 97 -4.57 4.54 60.01
CA ASP D 97 -4.20 3.82 61.20
C ASP D 97 -2.69 3.63 61.19
N ARG D 98 -2.00 4.22 62.17
CA ARG D 98 -0.53 4.26 62.22
C ARG D 98 0.09 3.01 62.79
N ASP D 99 -0.62 2.35 63.70
CA ASP D 99 -0.11 1.18 64.42
C ASP D 99 -0.78 -0.07 63.84
N MET D 100 -0.16 -0.66 62.81
CA MET D 100 -0.69 -1.86 62.19
C MET D 100 0.42 -2.89 61.96
N MET E 1 4.11 1.31 21.62
CA MET E 1 3.46 2.11 20.54
C MET E 1 2.00 1.74 20.41
N LEU E 2 1.14 2.75 20.38
CA LEU E 2 -0.29 2.50 20.25
C LEU E 2 -0.72 2.27 18.80
N ILE E 3 -1.95 1.76 18.66
CA ILE E 3 -2.47 1.35 17.37
C ILE E 3 -2.94 2.54 16.56
N TYR E 4 -2.64 2.51 15.27
CA TYR E 4 -3.00 3.56 14.32
C TYR E 4 -4.38 3.32 13.69
N SER E 5 -4.74 2.04 13.54
CA SER E 5 -6.04 1.61 12.99
C SER E 5 -7.21 1.77 13.98
N MET E 6 -8.35 2.27 13.49
CA MET E 6 -9.53 2.52 14.32
C MET E 6 -10.74 2.62 13.41
N TRP E 7 -11.92 2.36 13.94
CA TRP E 7 -13.16 2.26 13.13
C TRP E 7 -14.37 2.62 13.97
N GLY E 8 -15.23 3.46 13.42
CA GLY E 8 -16.49 3.82 14.04
C GLY E 8 -17.21 2.55 14.48
N LYS E 9 -17.98 2.65 15.57
CA LYS E 9 -18.78 1.55 16.08
C LYS E 9 -20.22 1.69 15.56
N GLY F 1 -17.00 -5.59 -33.25
CA GLY F 1 -16.14 -6.76 -32.93
C GLY F 1 -15.20 -6.46 -31.77
N SER F 2 -14.19 -7.31 -31.61
CA SER F 2 -13.18 -7.12 -30.61
C SER F 2 -12.36 -5.85 -30.84
N HIS F 3 -11.62 -5.48 -29.79
CA HIS F 3 -10.58 -4.48 -29.88
C HIS F 3 -9.38 -4.93 -29.06
N SER F 4 -8.25 -4.27 -29.26
CA SER F 4 -7.06 -4.58 -28.51
C SER F 4 -6.19 -3.36 -28.26
N MET F 5 -5.44 -3.42 -27.15
CA MET F 5 -4.37 -2.48 -26.92
C MET F 5 -3.08 -3.26 -26.83
N ARG F 6 -2.03 -2.71 -27.42
CA ARG F 6 -0.73 -3.35 -27.49
C ARG F 6 0.36 -2.32 -27.34
N TYR F 7 1.38 -2.64 -26.54
CA TYR F 7 2.60 -1.85 -26.48
C TYR F 7 3.80 -2.68 -26.97
N PHE F 8 4.72 -2.02 -27.68
CA PHE F 8 5.90 -2.69 -28.27
C PHE F 8 7.16 -1.94 -27.86
N TYR F 9 8.13 -2.66 -27.28
CA TYR F 9 9.39 -2.08 -26.90
C TYR F 9 10.56 -2.71 -27.65
N THR F 10 11.48 -1.88 -28.13
CA THR F 10 12.72 -2.36 -28.72
C THR F 10 13.93 -1.62 -28.10
N SER F 11 14.91 -2.41 -27.64
CA SER F 11 16.20 -1.90 -27.19
C SER F 11 17.35 -2.58 -27.94
N VAL F 12 18.28 -1.77 -28.45
CA VAL F 12 19.36 -2.30 -29.28
C VAL F 12 20.67 -1.80 -28.72
N SER F 13 21.58 -2.72 -28.41
CA SER F 13 22.89 -2.32 -27.89
C SER F 13 23.73 -1.76 -29.03
N ARG F 14 24.49 -0.70 -28.73
CA ARG F 14 25.27 0.02 -29.74
C ARG F 14 26.70 0.19 -29.22
N PRO F 15 27.43 -0.93 -29.09
CA PRO F 15 28.72 -0.94 -28.39
C PRO F 15 29.66 0.19 -28.82
N GLY F 16 30.07 1.00 -27.84
CA GLY F 16 30.95 2.14 -28.08
C GLY F 16 30.20 3.43 -28.33
N ARG F 17 29.12 3.34 -29.10
CA ARG F 17 28.37 4.50 -29.58
C ARG F 17 27.26 4.94 -28.63
N GLY F 18 27.62 5.12 -27.37
CA GLY F 18 26.66 5.53 -26.35
C GLY F 18 25.83 4.36 -25.86
N GLU F 19 24.76 4.66 -25.15
CA GLU F 19 23.90 3.63 -24.57
C GLU F 19 22.80 3.22 -25.56
N PRO F 20 22.07 2.13 -25.26
CA PRO F 20 21.22 1.50 -26.26
C PRO F 20 20.11 2.36 -26.83
N ARG F 21 19.66 2.01 -28.03
CA ARG F 21 18.58 2.68 -28.68
C ARG F 21 17.31 2.14 -28.11
N PHE F 22 16.44 3.01 -27.59
CA PHE F 22 15.14 2.57 -27.08
C PHE F 22 13.99 3.16 -27.84
N ILE F 23 13.07 2.31 -28.29
CA ILE F 23 11.86 2.79 -28.95
C ILE F 23 10.63 2.05 -28.42
N ALA F 24 9.61 2.82 -28.04
CA ALA F 24 8.38 2.28 -27.52
C ALA F 24 7.27 2.86 -28.31
N VAL F 25 6.30 2.03 -28.69
CA VAL F 25 5.08 2.53 -29.31
C VAL F 25 3.83 1.83 -28.78
N GLY F 26 2.70 2.53 -28.84
CA GLY F 26 1.44 1.97 -28.37
C GLY F 26 0.38 2.07 -29.45
N TYR F 27 -0.35 0.96 -29.61
CA TYR F 27 -1.43 0.86 -30.59
C TYR F 27 -2.73 0.58 -29.89
N VAL F 28 -3.82 1.15 -30.40
CA VAL F 28 -5.15 0.58 -30.19
C VAL F 28 -5.56 0.02 -31.53
N ASP F 29 -5.83 -1.30 -31.58
CA ASP F 29 -6.09 -1.98 -32.83
C ASP F 29 -4.95 -1.69 -33.82
N ASP F 30 -5.24 -1.30 -35.05
CA ASP F 30 -4.22 -1.01 -36.05
C ASP F 30 -3.85 0.49 -36.07
N THR F 31 -4.24 1.26 -35.05
CA THR F 31 -3.91 2.71 -35.02
C THR F 31 -2.87 3.03 -33.95
N GLN F 32 -1.76 3.63 -34.35
CA GLN F 32 -0.76 4.10 -33.40
C GLN F 32 -1.20 5.38 -32.71
N PHE F 33 -0.94 5.48 -31.42
CA PHE F 33 -1.37 6.64 -30.66
C PHE F 33 -0.33 7.29 -29.73
N VAL F 34 0.77 6.62 -29.43
CA VAL F 34 1.83 7.22 -28.60
C VAL F 34 3.17 6.65 -29.02
N ARG F 35 4.23 7.37 -28.72
CA ARG F 35 5.55 6.85 -28.96
C ARG F 35 6.58 7.45 -28.03
N PHE F 36 7.72 6.79 -27.95
CA PHE F 36 8.88 7.33 -27.24
C PHE F 36 10.15 6.87 -27.97
N ASP F 37 11.07 7.80 -28.21
CA ASP F 37 12.33 7.48 -28.87
C ASP F 37 13.43 8.10 -28.02
N SER F 38 14.38 7.27 -27.57
CA SER F 38 15.47 7.72 -26.72
C SER F 38 16.41 8.70 -27.43
N ASP F 39 16.49 8.58 -28.76
CA ASP F 39 17.28 9.52 -29.57
C ASP F 39 16.55 10.82 -29.89
N ALA F 40 15.23 10.84 -29.77
CA ALA F 40 14.45 12.06 -30.04
C ALA F 40 14.83 13.18 -29.07
N ALA F 41 14.39 14.39 -29.39
CA ALA F 41 14.81 15.61 -28.68
C ALA F 41 14.04 15.89 -27.39
N SER F 42 12.72 15.68 -27.42
CA SER F 42 11.85 16.06 -26.31
C SER F 42 12.12 15.30 -25.02
N GLN F 43 12.53 14.04 -25.15
CA GLN F 43 12.70 13.14 -24.02
C GLN F 43 11.39 12.99 -23.25
N ARG F 44 10.28 12.96 -24.02
CA ARG F 44 8.94 12.81 -23.49
C ARG F 44 8.24 11.72 -24.29
N MET F 45 7.28 11.07 -23.67
CA MET F 45 6.32 10.24 -24.39
C MET F 45 5.41 11.18 -25.17
N GLU F 46 5.23 10.89 -26.46
CA GLU F 46 4.57 11.84 -27.37
C GLU F 46 3.31 11.29 -28.04
N PRO F 47 2.32 12.17 -28.29
CA PRO F 47 1.06 11.74 -28.89
C PRO F 47 1.21 11.47 -30.36
N ARG F 48 0.42 10.53 -30.86
CA ARG F 48 0.42 10.21 -32.28
C ARG F 48 -0.98 10.03 -32.87
N ALA F 49 -2.00 10.39 -32.10
CA ALA F 49 -3.37 10.37 -32.56
C ALA F 49 -4.04 11.57 -31.90
N PRO F 50 -5.03 12.20 -32.56
CA PRO F 50 -5.64 13.41 -31.99
C PRO F 50 -6.43 13.16 -30.72
N TRP F 51 -7.03 11.99 -30.60
CA TRP F 51 -7.91 11.69 -29.47
C TRP F 51 -7.16 11.52 -28.14
N ILE F 52 -5.87 11.23 -28.17
CA ILE F 52 -5.11 11.09 -26.92
C ILE F 52 -4.57 12.43 -26.46
N GLU F 53 -4.57 13.44 -27.33
CA GLU F 53 -4.09 14.77 -26.94
C GLU F 53 -4.98 15.40 -25.86
N GLN F 54 -6.19 14.87 -25.69
CA GLN F 54 -7.12 15.23 -24.61
C GLN F 54 -6.56 15.06 -23.20
N GLU F 55 -5.58 14.18 -23.03
CA GLU F 55 -5.09 13.84 -21.70
C GLU F 55 -4.17 14.94 -21.19
N GLY F 56 -4.25 15.21 -19.89
CA GLY F 56 -3.53 16.33 -19.30
C GLY F 56 -2.10 16.02 -18.95
N PRO F 57 -1.38 17.02 -18.41
CA PRO F 57 0.05 16.91 -18.06
C PRO F 57 0.40 15.74 -17.12
N GLU F 58 -0.52 15.38 -16.25
CA GLU F 58 -0.29 14.30 -15.27
C GLU F 58 -0.16 12.95 -15.96
N TYR F 59 -0.96 12.75 -16.99
CA TYR F 59 -0.86 11.58 -17.84
C TYR F 59 0.52 11.51 -18.49
N TRP F 60 0.93 12.59 -19.14
CA TRP F 60 2.18 12.59 -19.91
C TRP F 60 3.41 12.50 -19.01
N ASP F 61 3.28 12.97 -17.79
CA ASP F 61 4.36 12.83 -16.81
C ASP F 61 4.52 11.39 -16.39
N GLN F 62 3.41 10.70 -16.14
CA GLN F 62 3.44 9.31 -15.70
C GLN F 62 3.99 8.42 -16.80
N GLU F 63 3.46 8.58 -18.00
CA GLU F 63 3.88 7.79 -19.16
C GLU F 63 5.36 7.97 -19.49
N THR F 64 5.85 9.20 -19.43
CA THR F 64 7.28 9.51 -19.62
C THR F 64 8.17 8.80 -18.60
N ARG F 65 7.79 8.96 -17.33
CA ARG F 65 8.52 8.40 -16.20
C ARG F 65 8.62 6.87 -16.33
N ASN F 66 7.48 6.21 -16.56
CA ASN F 66 7.42 4.77 -16.60
C ASN F 66 8.21 4.21 -17.79
N VAL F 67 8.11 4.85 -18.95
CA VAL F 67 8.80 4.39 -20.16
C VAL F 67 10.33 4.52 -20.02
N LYS F 68 10.78 5.64 -19.45
CA LYS F 68 12.19 5.81 -19.13
C LYS F 68 12.70 4.79 -18.11
N ALA F 69 11.88 4.43 -17.13
CA ALA F 69 12.27 3.36 -16.19
C ALA F 69 12.40 2.05 -16.99
N GLN F 70 11.43 1.81 -17.87
CA GLN F 70 11.48 0.63 -18.74
C GLN F 70 12.75 0.60 -19.58
N SER F 71 13.18 1.76 -20.08
CA SER F 71 14.37 1.81 -20.92
C SER F 71 15.61 1.47 -20.12
N GLN F 72 15.64 1.87 -18.86
CA GLN F 72 16.76 1.55 -17.99
C GLN F 72 16.83 0.05 -17.70
N THR F 73 15.71 -0.54 -17.30
CA THR F 73 15.59 -1.98 -17.13
C THR F 73 16.07 -2.74 -18.36
N ASP F 74 15.64 -2.28 -19.53
CA ASP F 74 16.06 -2.89 -20.79
C ASP F 74 17.56 -2.75 -20.96
N ARG F 75 18.10 -1.57 -20.65
CA ARG F 75 19.54 -1.32 -20.76
C ARG F 75 20.31 -2.36 -19.98
N VAL F 76 19.96 -2.50 -18.71
CA VAL F 76 20.65 -3.43 -17.81
C VAL F 76 20.48 -4.88 -18.21
N ASP F 77 19.23 -5.26 -18.53
CA ASP F 77 18.90 -6.59 -19.03
C ASP F 77 19.77 -6.94 -20.26
N LEU F 78 20.21 -5.95 -21.02
CA LEU F 78 21.13 -6.21 -22.14
C LEU F 78 22.46 -6.74 -21.59
N GLY F 79 22.92 -6.15 -20.51
CA GLY F 79 24.11 -6.63 -19.83
C GLY F 79 23.96 -8.05 -19.30
N THR F 80 22.82 -8.31 -18.70
CA THR F 80 22.61 -9.56 -18.01
C THR F 80 22.52 -10.69 -19.01
N LEU F 81 21.79 -10.46 -20.10
CA LEU F 81 21.62 -11.48 -21.11
C LEU F 81 22.92 -11.75 -21.85
N ARG F 82 23.75 -10.72 -22.03
CA ARG F 82 25.08 -10.90 -22.61
C ARG F 82 25.93 -11.87 -21.76
N GLY F 83 25.80 -11.79 -20.44
CA GLY F 83 26.52 -12.69 -19.55
C GLY F 83 25.94 -14.09 -19.68
N TYR F 84 24.62 -14.19 -19.58
CA TYR F 84 23.96 -15.49 -19.59
C TYR F 84 24.45 -16.34 -20.76
N TYR F 85 24.64 -15.72 -21.92
CA TYR F 85 25.07 -16.40 -23.14
C TYR F 85 26.55 -16.25 -23.46
N ASN F 86 27.32 -15.76 -22.47
CA ASN F 86 28.75 -15.60 -22.61
C ASN F 86 29.14 -14.91 -23.92
N GLN F 87 28.48 -13.79 -24.22
CA GLN F 87 28.77 -13.05 -25.45
C GLN F 87 29.74 -11.88 -25.21
N SER F 88 30.46 -11.49 -26.26
CA SER F 88 31.42 -10.39 -26.15
C SER F 88 30.72 -9.05 -26.07
N GLU F 89 31.43 -8.06 -25.52
CA GLU F 89 30.92 -6.69 -25.40
C GLU F 89 30.99 -5.87 -26.70
N ASP F 90 31.49 -6.47 -27.77
CA ASP F 90 31.73 -5.76 -29.03
C ASP F 90 30.50 -5.72 -29.94
N GLY F 91 29.64 -6.72 -29.84
CA GLY F 91 28.49 -6.89 -30.77
C GLY F 91 27.19 -6.26 -30.32
N SER F 92 26.34 -5.95 -31.31
CA SER F 92 24.99 -5.42 -31.04
C SER F 92 23.96 -6.52 -30.81
N HIS F 93 23.12 -6.33 -29.79
CA HIS F 93 22.08 -7.29 -29.42
C HIS F 93 20.75 -6.59 -29.20
N THR F 94 19.66 -7.36 -29.24
CA THR F 94 18.35 -6.75 -29.24
C THR F 94 17.38 -7.45 -28.30
N ILE F 95 16.61 -6.64 -27.57
CA ILE F 95 15.50 -7.13 -26.78
C ILE F 95 14.23 -6.52 -27.30
N GLN F 96 13.23 -7.38 -27.49
CA GLN F 96 11.91 -6.97 -27.92
C GLN F 96 10.87 -7.45 -26.90
N ILE F 97 9.89 -6.61 -26.61
CA ILE F 97 8.85 -6.90 -25.62
C ILE F 97 7.51 -6.50 -26.18
N MET F 98 6.56 -7.44 -26.17
CA MET F 98 5.18 -7.15 -26.60
C MET F 98 4.23 -7.56 -25.50
N TYR F 99 3.30 -6.68 -25.12
CA TYR F 99 2.20 -7.05 -24.25
C TYR F 99 0.99 -6.20 -24.56
N GLY F 100 -0.18 -6.73 -24.17
CA GLY F 100 -1.43 -6.02 -24.27
C GLY F 100 -2.61 -6.91 -23.96
N CYS F 101 -3.81 -6.41 -24.24
CA CYS F 101 -5.04 -7.10 -23.90
C CYS F 101 -6.11 -6.94 -25.00
N ASP F 102 -7.08 -7.87 -25.01
CA ASP F 102 -8.24 -7.82 -25.88
C ASP F 102 -9.56 -7.72 -25.11
N VAL F 103 -10.50 -6.91 -25.60
CA VAL F 103 -11.88 -6.91 -25.12
C VAL F 103 -12.84 -7.31 -26.22
N GLY F 104 -13.93 -7.96 -25.84
CA GLY F 104 -14.98 -8.33 -26.78
C GLY F 104 -15.88 -7.14 -27.12
N PRO F 105 -16.89 -7.38 -27.98
CA PRO F 105 -17.78 -6.28 -28.37
C PRO F 105 -18.61 -5.79 -27.19
N ASP F 106 -18.90 -6.68 -26.23
CA ASP F 106 -19.55 -6.32 -24.97
C ASP F 106 -18.63 -5.61 -23.98
N GLY F 107 -17.36 -5.46 -24.35
CA GLY F 107 -16.41 -4.72 -23.54
C GLY F 107 -15.82 -5.49 -22.39
N ARG F 108 -16.01 -6.81 -22.39
CA ARG F 108 -15.45 -7.71 -21.38
C ARG F 108 -14.07 -8.18 -21.80
N PHE F 109 -13.21 -8.40 -20.80
CA PHE F 109 -11.85 -8.94 -21.00
C PHE F 109 -11.93 -10.32 -21.63
N LEU F 110 -11.23 -10.47 -22.76
CA LEU F 110 -11.19 -11.73 -23.50
C LEU F 110 -9.84 -12.41 -23.25
N ARG F 111 -8.75 -11.65 -23.31
CA ARG F 111 -7.44 -12.17 -22.91
C ARG F 111 -6.33 -11.12 -22.91
N GLY F 112 -5.19 -11.53 -22.36
CA GLY F 112 -3.97 -10.74 -22.39
C GLY F 112 -2.76 -11.62 -22.60
N TYR F 113 -1.62 -11.00 -22.79
CA TYR F 113 -0.45 -11.72 -23.21
C TYR F 113 0.76 -10.82 -22.94
N ARG F 114 1.89 -11.45 -22.69
CA ARG F 114 3.16 -10.78 -22.69
C ARG F 114 4.20 -11.76 -23.13
N GLN F 115 4.99 -11.34 -24.11
CA GLN F 115 6.06 -12.14 -24.66
C GLN F 115 7.28 -11.28 -24.88
N ASP F 116 8.44 -11.82 -24.54
CA ASP F 116 9.73 -11.17 -24.69
C ASP F 116 10.66 -11.96 -25.63
N ALA F 117 11.56 -11.28 -26.32
CA ALA F 117 12.52 -11.94 -27.21
C ALA F 117 13.93 -11.41 -27.05
N TYR F 118 14.90 -12.25 -27.39
CA TYR F 118 16.29 -11.85 -27.41
C TYR F 118 16.88 -12.20 -28.76
N ASP F 119 17.57 -11.24 -29.37
CA ASP F 119 18.08 -11.41 -30.73
C ASP F 119 17.10 -12.10 -31.69
N GLY F 120 15.82 -11.73 -31.63
CA GLY F 120 14.85 -12.21 -32.62
C GLY F 120 14.24 -13.60 -32.38
N LYS F 121 14.50 -14.19 -31.22
CA LYS F 121 13.94 -15.47 -30.82
C LYS F 121 13.21 -15.38 -29.47
N ASP F 122 12.18 -16.21 -29.32
CA ASP F 122 11.47 -16.32 -28.07
C ASP F 122 12.49 -16.39 -26.95
N TYR F 123 12.30 -15.60 -25.91
CA TYR F 123 13.11 -15.70 -24.70
C TYR F 123 12.25 -16.20 -23.55
N ILE F 124 11.22 -15.44 -23.20
CA ILE F 124 10.29 -15.85 -22.14
C ILE F 124 8.92 -15.26 -22.39
N ALA F 125 7.88 -16.03 -22.07
CA ALA F 125 6.49 -15.67 -22.37
C ALA F 125 5.54 -16.02 -21.24
N LEU F 126 4.47 -15.24 -21.11
CA LEU F 126 3.45 -15.49 -20.11
C LEU F 126 2.47 -16.51 -20.67
N ASN F 127 2.20 -17.58 -19.93
CA ASN F 127 1.22 -18.58 -20.37
C ASN F 127 -0.16 -17.96 -20.42
N GLU F 128 -1.09 -18.65 -21.07
CA GLU F 128 -2.41 -18.11 -21.30
C GLU F 128 -3.24 -17.99 -20.03
N ASP F 129 -2.88 -18.71 -18.97
CA ASP F 129 -3.62 -18.54 -17.69
C ASP F 129 -3.11 -17.36 -16.86
N LEU F 130 -2.07 -16.68 -17.35
CA LEU F 130 -1.50 -15.47 -16.74
C LEU F 130 -0.86 -15.67 -15.35
N ARG F 131 -0.60 -16.93 -14.98
CA ARG F 131 -0.08 -17.24 -13.65
C ARG F 131 1.34 -17.75 -13.66
N SER F 132 1.86 -18.07 -14.84
CA SER F 132 3.22 -18.57 -14.91
C SER F 132 3.84 -18.31 -16.26
N TRP F 133 5.15 -18.52 -16.32
CA TRP F 133 5.93 -18.24 -17.50
C TRP F 133 6.48 -19.51 -18.15
N THR F 134 6.65 -19.43 -19.47
CA THR F 134 7.32 -20.43 -20.28
C THR F 134 8.64 -19.85 -20.78
N ALA F 135 9.73 -20.45 -20.35
CA ALA F 135 11.08 -20.05 -20.73
C ALA F 135 11.56 -20.90 -21.89
N ALA F 136 12.15 -20.26 -22.89
CA ALA F 136 12.60 -20.95 -24.09
C ALA F 136 13.88 -21.72 -23.87
N ASP F 137 14.70 -21.30 -22.91
CA ASP F 137 16.02 -21.95 -22.70
C ASP F 137 16.58 -21.76 -21.28
N MET F 138 17.78 -22.30 -21.05
CA MET F 138 18.35 -22.31 -19.68
C MET F 138 18.58 -20.89 -19.15
N ALA F 139 19.06 -19.99 -20.00
CA ALA F 139 19.21 -18.59 -19.59
C ALA F 139 17.88 -18.02 -19.13
N ALA F 140 16.82 -18.23 -19.89
CA ALA F 140 15.51 -17.70 -19.50
C ALA F 140 14.93 -18.36 -18.25
N GLN F 141 15.43 -19.55 -17.90
CA GLN F 141 15.01 -20.23 -16.68
C GLN F 141 15.50 -19.51 -15.45
N ILE F 142 16.69 -18.94 -15.55
CA ILE F 142 17.20 -18.07 -14.48
C ILE F 142 16.27 -16.87 -14.34
N THR F 143 15.92 -16.24 -15.46
CA THR F 143 14.98 -15.13 -15.45
C THR F 143 13.64 -15.51 -14.83
N LYS F 144 13.17 -16.71 -15.15
CA LYS F 144 11.90 -17.22 -14.62
C LYS F 144 11.89 -17.30 -13.11
N ARG F 145 12.99 -17.74 -12.51
CA ARG F 145 12.97 -17.88 -11.05
C ARG F 145 13.05 -16.47 -10.42
N LYS F 146 13.87 -15.59 -10.99
CA LYS F 146 13.85 -14.17 -10.56
C LYS F 146 12.46 -13.57 -10.61
N TRP F 147 11.77 -13.82 -11.72
CA TRP F 147 10.43 -13.26 -11.94
C TRP F 147 9.37 -13.86 -11.01
N GLU F 148 9.46 -15.15 -10.71
CA GLU F 148 8.57 -15.77 -9.71
C GLU F 148 8.79 -15.10 -8.35
N ALA F 149 10.06 -14.94 -7.98
CA ALA F 149 10.42 -14.26 -6.73
C ALA F 149 9.98 -12.79 -6.69
N ALA F 150 9.95 -12.13 -7.85
CA ALA F 150 9.55 -10.72 -7.91
C ALA F 150 8.05 -10.53 -8.06
N HIS F 151 7.31 -11.63 -8.12
CA HIS F 151 5.87 -11.61 -8.40
C HIS F 151 5.50 -10.91 -9.70
N ALA F 152 6.32 -11.11 -10.73
CA ALA F 152 6.11 -10.45 -12.03
C ALA F 152 4.80 -10.85 -12.64
N ALA F 153 4.50 -12.15 -12.62
CA ALA F 153 3.26 -12.71 -13.17
C ALA F 153 2.02 -12.04 -12.61
N GLU F 154 1.96 -11.92 -11.29
CA GLU F 154 0.79 -11.35 -10.63
C GLU F 154 0.60 -9.89 -11.04
N GLN F 155 1.71 -9.15 -11.12
CA GLN F 155 1.66 -7.76 -11.54
C GLN F 155 1.27 -7.60 -13.02
N GLN F 156 1.77 -8.46 -13.92
CA GLN F 156 1.30 -8.42 -15.34
C GLN F 156 -0.19 -8.74 -15.39
N ARG F 157 -0.59 -9.79 -14.68
CA ARG F 157 -1.99 -10.22 -14.73
C ARG F 157 -2.90 -9.13 -14.20
N ALA F 158 -2.53 -8.51 -13.08
CA ALA F 158 -3.31 -7.37 -12.55
C ALA F 158 -3.39 -6.24 -13.59
N TYR F 159 -2.27 -5.95 -14.22
CA TYR F 159 -2.23 -4.91 -15.23
C TYR F 159 -3.12 -5.27 -16.42
N LEU F 160 -2.94 -6.48 -16.93
CA LEU F 160 -3.68 -6.94 -18.10
C LEU F 160 -5.19 -7.00 -17.91
N GLU F 161 -5.63 -7.34 -16.70
CA GLU F 161 -7.09 -7.41 -16.40
C GLU F 161 -7.62 -6.12 -15.84
N GLY F 162 -6.74 -5.22 -15.41
CA GLY F 162 -7.16 -3.98 -14.77
C GLY F 162 -7.00 -2.79 -15.69
N ARG F 163 -5.92 -2.05 -15.51
CA ARG F 163 -5.80 -0.78 -16.22
C ARG F 163 -5.67 -0.91 -17.74
N CYS F 164 -5.07 -1.99 -18.24
CA CYS F 164 -5.10 -2.26 -19.68
C CYS F 164 -6.52 -2.11 -20.20
N VAL F 165 -7.45 -2.87 -19.62
CA VAL F 165 -8.82 -2.92 -20.09
C VAL F 165 -9.51 -1.58 -19.88
N GLU F 166 -9.30 -0.99 -18.71
CA GLU F 166 -9.95 0.28 -18.37
C GLU F 166 -9.50 1.40 -19.30
N TRP F 167 -8.20 1.48 -19.57
CA TRP F 167 -7.67 2.51 -20.47
C TRP F 167 -7.97 2.28 -21.96
N LEU F 168 -7.99 1.02 -22.37
CA LEU F 168 -8.38 0.65 -23.73
C LEU F 168 -9.81 1.13 -23.96
N ARG F 169 -10.67 0.87 -23.00
CA ARG F 169 -12.08 1.26 -23.13
C ARG F 169 -12.23 2.78 -23.06
N ARG F 170 -11.49 3.42 -22.17
CA ARG F 170 -11.49 4.85 -22.14
C ARG F 170 -11.17 5.36 -23.52
N TYR F 171 -10.12 4.82 -24.13
CA TYR F 171 -9.61 5.31 -25.40
C TYR F 171 -10.58 5.11 -26.53
N LEU F 172 -11.19 3.93 -26.60
CA LEU F 172 -12.21 3.64 -27.59
C LEU F 172 -13.37 4.65 -27.52
N GLU F 173 -13.73 5.09 -26.32
CA GLU F 173 -14.83 6.00 -26.15
C GLU F 173 -14.37 7.38 -26.58
N ASN F 174 -13.23 7.81 -26.06
CA ASN F 174 -12.72 9.11 -26.42
C ASN F 174 -12.49 9.21 -27.94
N GLY F 175 -11.96 8.16 -28.55
CA GLY F 175 -11.62 8.20 -29.98
C GLY F 175 -12.58 7.40 -30.85
N LYS F 176 -13.85 7.33 -30.46
CA LYS F 176 -14.77 6.41 -31.13
C LYS F 176 -15.00 6.81 -32.59
N GLU F 177 -14.93 8.12 -32.85
CA GLU F 177 -15.17 8.65 -34.19
C GLU F 177 -14.22 8.01 -35.22
N THR F 178 -12.94 7.89 -34.87
CA THR F 178 -11.96 7.27 -35.77
C THR F 178 -11.77 5.77 -35.48
N LEU F 179 -11.58 5.42 -34.21
CA LEU F 179 -11.31 4.02 -33.85
C LEU F 179 -12.44 3.06 -34.17
N GLN F 180 -13.68 3.51 -34.05
CA GLN F 180 -14.83 2.64 -34.31
C GLN F 180 -15.38 2.86 -35.72
N ARG F 181 -14.61 3.53 -36.59
CA ARG F 181 -15.06 3.76 -37.97
C ARG F 181 -14.94 2.49 -38.76
N THR F 182 -15.97 2.17 -39.49
CA THR F 182 -15.75 1.18 -40.51
C THR F 182 -15.46 1.93 -41.83
N ASP F 183 -14.35 1.52 -42.42
CA ASP F 183 -13.75 2.21 -43.55
C ASP F 183 -13.48 1.19 -44.66
N PRO F 184 -14.47 0.98 -45.54
CA PRO F 184 -14.35 -0.04 -46.61
C PRO F 184 -13.37 0.36 -47.72
N PRO F 185 -12.79 -0.63 -48.41
CA PRO F 185 -11.84 -0.33 -49.48
C PRO F 185 -12.50 0.25 -50.71
N LYS F 186 -11.87 1.27 -51.31
CA LYS F 186 -12.18 1.65 -52.70
C LYS F 186 -11.52 0.60 -53.54
N THR F 187 -12.25 0.02 -54.47
CA THR F 187 -11.69 -1.00 -55.30
C THR F 187 -11.79 -0.62 -56.75
N HIS F 188 -10.84 -1.14 -57.51
CA HIS F 188 -10.81 -0.95 -58.95
C HIS F 188 -9.85 -1.96 -59.52
N MET F 189 -9.89 -2.10 -60.83
CA MET F 189 -9.16 -3.15 -61.47
C MET F 189 -8.29 -2.54 -62.55
N THR F 190 -7.17 -3.20 -62.83
CA THR F 190 -6.22 -2.74 -63.79
C THR F 190 -5.91 -3.90 -64.76
N HIS F 191 -5.59 -3.57 -66.01
CA HIS F 191 -5.45 -4.57 -67.05
C HIS F 191 -4.39 -4.15 -68.05
N HIS F 192 -3.31 -4.92 -68.13
CA HIS F 192 -2.18 -4.58 -69.00
C HIS F 192 -1.69 -5.80 -69.79
N PRO F 193 -1.63 -5.68 -71.13
CA PRO F 193 -1.01 -6.71 -71.98
C PRO F 193 0.43 -7.00 -71.56
N ILE F 194 0.80 -8.26 -71.57
CA ILE F 194 2.17 -8.69 -71.30
C ILE F 194 2.80 -9.21 -72.60
N SER F 195 2.00 -9.95 -73.37
CA SER F 195 2.34 -10.39 -74.72
C SER F 195 1.06 -10.24 -75.57
N ASP F 196 1.03 -10.82 -76.77
CA ASP F 196 -0.23 -10.87 -77.55
C ASP F 196 -0.95 -12.22 -77.38
N HIS F 197 -0.59 -12.95 -76.33
CA HIS F 197 -1.36 -14.13 -75.93
C HIS F 197 -1.73 -14.07 -74.43
N GLU F 198 -1.27 -13.05 -73.72
CA GLU F 198 -1.48 -12.93 -72.26
C GLU F 198 -1.59 -11.48 -71.78
N ALA F 199 -2.23 -11.29 -70.64
CA ALA F 199 -2.31 -9.99 -69.99
C ALA F 199 -2.36 -10.14 -68.47
N THR F 200 -1.88 -9.11 -67.76
CA THR F 200 -1.96 -9.04 -66.30
C THR F 200 -3.26 -8.38 -65.85
N LEU F 201 -3.83 -8.91 -64.76
CA LEU F 201 -5.09 -8.41 -64.21
C LEU F 201 -4.84 -8.21 -62.73
N ARG F 202 -4.88 -6.96 -62.27
CA ARG F 202 -4.49 -6.63 -60.91
C ARG F 202 -5.67 -5.99 -60.19
N CYS F 203 -6.03 -6.60 -59.06
CA CYS F 203 -7.19 -6.19 -58.28
C CYS F 203 -6.69 -5.34 -57.16
N TRP F 204 -7.26 -4.15 -56.99
CA TRP F 204 -6.73 -3.16 -56.05
C TRP F 204 -7.69 -2.92 -54.88
N ALA F 205 -7.12 -2.82 -53.68
CA ALA F 205 -7.86 -2.42 -52.48
C ALA F 205 -7.13 -1.28 -51.80
N LEU F 206 -7.75 -0.10 -51.76
CA LEU F 206 -7.14 1.13 -51.21
C LEU F 206 -7.99 1.76 -50.09
N GLY F 207 -7.38 2.65 -49.31
CA GLY F 207 -8.06 3.45 -48.30
C GLY F 207 -8.83 2.70 -47.20
N PHE F 208 -8.51 1.43 -46.92
CA PHE F 208 -9.32 0.65 -45.96
C PHE F 208 -8.74 0.62 -44.55
N TYR F 209 -9.62 0.40 -43.58
CA TYR F 209 -9.25 0.29 -42.16
C TYR F 209 -10.34 -0.50 -41.43
N PRO F 210 -9.96 -1.49 -40.60
CA PRO F 210 -8.63 -2.03 -40.30
C PRO F 210 -7.97 -2.80 -41.44
N ALA F 211 -6.73 -3.22 -41.19
CA ALA F 211 -5.88 -3.88 -42.18
C ALA F 211 -6.26 -5.32 -42.54
N GLU F 212 -6.97 -6.03 -41.67
CA GLU F 212 -7.44 -7.39 -42.01
C GLU F 212 -8.30 -7.34 -43.27
N ILE F 213 -7.87 -8.05 -44.31
CA ILE F 213 -8.57 -8.05 -45.61
C ILE F 213 -8.22 -9.34 -46.34
N THR F 214 -9.11 -9.81 -47.20
CA THR F 214 -8.81 -10.98 -48.01
C THR F 214 -9.10 -10.63 -49.48
N LEU F 215 -8.12 -10.89 -50.35
CA LEU F 215 -8.24 -10.69 -51.80
C LEU F 215 -7.97 -12.02 -52.46
N THR F 216 -8.94 -12.57 -53.19
CA THR F 216 -8.70 -13.81 -53.94
C THR F 216 -9.17 -13.70 -55.40
N TRP F 217 -8.42 -14.36 -56.28
CA TRP F 217 -8.75 -14.49 -57.69
C TRP F 217 -9.35 -15.87 -57.93
N GLN F 218 -10.45 -15.90 -58.67
CA GLN F 218 -11.05 -17.16 -59.06
C GLN F 218 -11.08 -17.21 -60.56
N ARG F 219 -11.19 -18.42 -61.10
CA ARG F 219 -11.30 -18.62 -62.54
C ARG F 219 -12.33 -19.72 -62.78
N ASP F 220 -13.47 -19.32 -63.30
CA ASP F 220 -14.63 -20.22 -63.39
C ASP F 220 -15.07 -20.69 -61.99
N GLY F 221 -14.94 -19.81 -61.00
CA GLY F 221 -15.30 -20.12 -59.61
C GLY F 221 -14.23 -20.79 -58.75
N GLU F 222 -13.16 -21.25 -59.40
CA GLU F 222 -12.10 -22.01 -58.72
C GLU F 222 -11.01 -21.04 -58.31
N ASP F 223 -10.48 -21.21 -57.10
CA ASP F 223 -9.38 -20.37 -56.64
C ASP F 223 -8.13 -20.55 -57.47
N GLN F 224 -7.35 -19.49 -57.60
CA GLN F 224 -6.13 -19.49 -58.39
C GLN F 224 -4.92 -19.24 -57.51
N THR F 225 -4.97 -19.78 -56.31
CA THR F 225 -3.82 -19.80 -55.41
C THR F 225 -2.69 -20.54 -56.12
N GLN F 226 -1.46 -20.20 -55.76
CA GLN F 226 -0.25 -20.73 -56.43
C GLN F 226 -0.04 -20.10 -57.83
N ASP F 227 -1.05 -19.39 -58.37
CA ASP F 227 -0.91 -18.60 -59.61
C ASP F 227 -1.11 -17.09 -59.39
N THR F 228 -1.43 -16.69 -58.17
CA THR F 228 -1.65 -15.31 -57.84
C THR F 228 -0.39 -14.74 -57.22
N GLU F 229 0.05 -13.58 -57.71
CA GLU F 229 0.99 -12.75 -56.94
C GLU F 229 0.18 -11.77 -56.12
N LEU F 230 0.44 -11.77 -54.82
CA LEU F 230 -0.17 -10.81 -53.95
C LEU F 230 0.86 -10.27 -52.98
N VAL F 231 0.73 -9.00 -52.64
CA VAL F 231 1.68 -8.36 -51.79
C VAL F 231 1.17 -8.33 -50.35
N GLU F 232 2.10 -8.25 -49.40
CA GLU F 232 1.72 -8.01 -48.04
C GLU F 232 0.91 -6.72 -47.97
N THR F 233 -0.11 -6.71 -47.11
CA THR F 233 -0.84 -5.50 -46.83
C THR F 233 0.12 -4.42 -46.37
N ARG F 234 -0.13 -3.16 -46.71
CA ARG F 234 0.86 -2.10 -46.47
C ARG F 234 0.20 -0.80 -46.02
N PRO F 235 0.87 -0.04 -45.15
CA PRO F 235 0.29 1.24 -44.74
C PRO F 235 0.34 2.25 -45.89
N ALA F 236 -0.67 3.10 -45.99
CA ALA F 236 -0.73 4.13 -47.02
C ALA F 236 -0.12 5.44 -46.54
N GLY F 237 0.19 5.56 -45.26
CA GLY F 237 0.79 6.77 -44.71
C GLY F 237 -0.14 7.62 -43.90
N ASP F 238 -1.44 7.53 -44.18
CA ASP F 238 -2.47 8.39 -43.58
C ASP F 238 -3.36 7.71 -42.53
N GLY F 239 -2.97 6.51 -42.06
CA GLY F 239 -3.83 5.70 -41.17
C GLY F 239 -4.59 4.60 -41.90
N THR F 240 -4.54 4.58 -43.22
CA THR F 240 -5.26 3.57 -44.00
C THR F 240 -4.33 2.51 -44.57
N PHE F 241 -4.91 1.48 -45.16
CA PHE F 241 -4.15 0.38 -45.70
C PHE F 241 -4.44 0.05 -47.19
N GLN F 242 -3.45 -0.53 -47.85
CA GLN F 242 -3.56 -0.95 -49.25
C GLN F 242 -3.16 -2.40 -49.42
N LYS F 243 -3.70 -3.03 -50.45
CA LYS F 243 -3.25 -4.36 -50.87
C LYS F 243 -3.71 -4.63 -52.30
N TRP F 244 -2.89 -5.28 -53.11
CA TRP F 244 -3.34 -5.78 -54.39
C TRP F 244 -3.10 -7.28 -54.60
N ALA F 245 -3.79 -7.82 -55.61
CA ALA F 245 -3.66 -9.21 -56.02
C ALA F 245 -3.67 -9.27 -57.55
N ALA F 246 -2.68 -9.96 -58.14
CA ALA F 246 -2.56 -10.01 -59.59
C ALA F 246 -2.51 -11.42 -60.15
N VAL F 247 -3.02 -11.57 -61.37
CA VAL F 247 -3.03 -12.84 -62.07
C VAL F 247 -2.77 -12.62 -63.57
N VAL F 248 -1.96 -13.50 -64.15
CA VAL F 248 -1.67 -13.49 -65.59
C VAL F 248 -2.66 -14.41 -66.28
N VAL F 249 -3.36 -13.87 -67.28
CA VAL F 249 -4.43 -14.60 -67.96
C VAL F 249 -4.20 -14.64 -69.46
N PRO F 250 -4.71 -15.67 -70.15
CA PRO F 250 -4.71 -15.62 -71.61
C PRO F 250 -5.60 -14.48 -72.11
N SER F 251 -5.19 -13.81 -73.18
CA SER F 251 -5.99 -12.73 -73.74
C SER F 251 -7.30 -13.28 -74.25
N GLY F 252 -8.37 -12.53 -73.98
CA GLY F 252 -9.70 -12.93 -74.34
C GLY F 252 -10.38 -13.79 -73.31
N GLU F 253 -9.71 -14.16 -72.19
CA GLU F 253 -10.41 -14.92 -71.17
C GLU F 253 -10.70 -14.12 -69.89
N GLU F 254 -10.45 -12.81 -69.94
CA GLU F 254 -10.62 -11.92 -68.78
C GLU F 254 -11.95 -12.11 -68.03
N GLN F 255 -13.03 -12.32 -68.78
CA GLN F 255 -14.38 -12.46 -68.21
C GLN F 255 -14.53 -13.67 -67.26
N ARG F 256 -13.70 -14.68 -67.46
CA ARG F 256 -13.73 -15.88 -66.61
C ARG F 256 -13.12 -15.68 -65.23
N TYR F 257 -12.37 -14.59 -65.06
CA TYR F 257 -11.70 -14.33 -63.80
C TYR F 257 -12.53 -13.38 -62.92
N THR F 258 -12.48 -13.60 -61.60
CA THR F 258 -13.22 -12.81 -60.64
C THR F 258 -12.37 -12.53 -59.43
N CYS F 259 -12.33 -11.27 -59.02
CA CYS F 259 -11.65 -10.89 -57.81
C CYS F 259 -12.66 -10.76 -56.67
N HIS F 260 -12.36 -11.39 -55.54
CA HIS F 260 -13.24 -11.38 -54.37
C HIS F 260 -12.58 -10.63 -53.23
N VAL F 261 -13.32 -9.69 -52.64
CA VAL F 261 -12.81 -8.81 -51.61
C VAL F 261 -13.66 -8.93 -50.34
N GLN F 262 -13.05 -9.40 -49.24
CA GLN F 262 -13.71 -9.51 -47.93
C GLN F 262 -13.08 -8.56 -46.92
N HIS F 263 -13.88 -7.68 -46.34
CA HIS F 263 -13.41 -6.73 -45.33
C HIS F 263 -14.62 -6.38 -44.46
N GLU F 264 -14.40 -6.20 -43.16
CA GLU F 264 -15.51 -6.02 -42.20
C GLU F 264 -16.32 -4.73 -42.41
N GLY F 265 -15.71 -3.75 -43.06
CA GLY F 265 -16.39 -2.52 -43.43
C GLY F 265 -17.30 -2.61 -44.65
N LEU F 266 -17.29 -3.77 -45.32
CA LEU F 266 -18.17 -4.00 -46.46
C LEU F 266 -19.46 -4.71 -46.03
N PRO F 267 -20.63 -4.13 -46.40
CA PRO F 267 -21.92 -4.79 -46.13
C PRO F 267 -21.91 -6.24 -46.56
N LYS F 268 -21.44 -6.49 -47.78
CA LYS F 268 -21.24 -7.85 -48.27
C LYS F 268 -19.97 -7.92 -49.11
N PRO F 269 -19.40 -9.14 -49.25
CA PRO F 269 -18.19 -9.28 -50.08
C PRO F 269 -18.41 -8.89 -51.55
N LEU F 270 -17.45 -8.15 -52.10
CA LEU F 270 -17.51 -7.72 -53.50
C LEU F 270 -16.99 -8.76 -54.44
N THR F 271 -17.56 -8.78 -55.63
CA THR F 271 -17.01 -9.53 -56.74
C THR F 271 -16.70 -8.51 -57.80
N LEU F 272 -15.46 -8.49 -58.27
CA LEU F 272 -15.07 -7.60 -59.37
C LEU F 272 -14.73 -8.44 -60.59
N ARG F 273 -15.15 -7.97 -61.75
CA ARG F 273 -15.04 -8.72 -62.99
C ARG F 273 -14.70 -7.74 -64.13
N TRP F 274 -13.66 -8.03 -64.91
CA TRP F 274 -13.25 -7.13 -65.98
C TRP F 274 -14.12 -7.35 -67.22
N ILE G 2 17.99 -15.56 -36.72
CA ILE G 2 19.27 -14.83 -36.59
C ILE G 2 19.39 -13.66 -37.59
N GLN G 3 19.26 -13.89 -38.89
CA GLN G 3 19.28 -12.78 -39.86
C GLN G 3 18.17 -12.92 -40.90
N ARG G 4 17.32 -11.89 -40.99
CA ARG G 4 16.17 -11.90 -41.86
C ARG G 4 16.32 -10.81 -42.90
N THR G 5 16.02 -11.14 -44.15
CA THR G 5 16.14 -10.24 -45.29
C THR G 5 14.89 -9.40 -45.47
N PRO G 6 15.03 -8.07 -45.62
CA PRO G 6 13.85 -7.23 -45.75
C PRO G 6 13.12 -7.44 -47.05
N LYS G 7 11.80 -7.43 -46.99
CA LYS G 7 10.98 -7.28 -48.18
C LYS G 7 10.75 -5.78 -48.41
N ILE G 8 10.60 -5.35 -49.66
CA ILE G 8 10.49 -3.93 -49.99
C ILE G 8 9.35 -3.66 -50.94
N GLN G 9 8.52 -2.67 -50.63
CA GLN G 9 7.50 -2.19 -51.55
C GLN G 9 7.57 -0.67 -51.71
N VAL G 10 7.58 -0.24 -52.98
CA VAL G 10 7.66 1.18 -53.37
C VAL G 10 6.36 1.52 -54.06
N TYR G 11 5.62 2.48 -53.52
CA TYR G 11 4.31 2.80 -54.05
C TYR G 11 3.95 4.21 -53.63
N SER G 12 2.86 4.73 -54.18
CA SER G 12 2.36 6.05 -53.81
C SER G 12 1.11 5.90 -52.97
N ARG G 13 0.84 6.87 -52.10
CA ARG G 13 -0.35 6.81 -51.26
C ARG G 13 -1.64 6.73 -52.08
N HIS G 14 -1.74 7.56 -53.12
CA HIS G 14 -2.89 7.56 -54.02
C HIS G 14 -2.40 7.23 -55.43
N PRO G 15 -3.29 6.75 -56.32
CA PRO G 15 -2.87 6.53 -57.71
C PRO G 15 -2.40 7.84 -58.33
N ALA G 16 -1.27 7.78 -59.03
CA ALA G 16 -0.55 8.96 -59.45
C ALA G 16 -1.21 9.69 -60.62
N GLU G 17 -1.39 11.00 -60.43
CA GLU G 17 -1.83 11.88 -61.49
C GLU G 17 -0.82 13.03 -61.59
N ASN G 18 -0.25 13.22 -62.78
CA ASN G 18 0.78 14.23 -63.00
C ASN G 18 0.26 15.63 -62.72
N GLY G 19 1.10 16.44 -62.07
CA GLY G 19 0.69 17.77 -61.60
C GLY G 19 -0.01 17.78 -60.25
N LYS G 20 -0.37 16.60 -59.73
CA LYS G 20 -1.14 16.52 -58.48
C LYS G 20 -0.32 15.94 -57.34
N SER G 21 -0.25 16.66 -56.22
CA SER G 21 0.66 16.32 -55.12
C SER G 21 0.20 15.06 -54.38
N ASN G 22 1.18 14.31 -53.90
CA ASN G 22 0.97 12.95 -53.44
C ASN G 22 2.00 12.63 -52.37
N PHE G 23 2.10 11.37 -51.97
CA PHE G 23 3.16 10.94 -51.09
C PHE G 23 3.75 9.69 -51.69
N LEU G 24 5.08 9.58 -51.63
CA LEU G 24 5.79 8.42 -52.13
C LEU G 24 6.25 7.59 -50.94
N ASN G 25 6.01 6.28 -51.03
CA ASN G 25 6.24 5.37 -49.91
C ASN G 25 7.23 4.28 -50.24
N CYS G 26 8.06 3.95 -49.26
CA CYS G 26 8.87 2.75 -49.30
C CYS G 26 8.69 2.01 -47.96
N TYR G 27 8.10 0.81 -48.02
CA TYR G 27 7.74 0.00 -46.87
C TYR G 27 8.65 -1.21 -46.80
N VAL G 28 9.45 -1.27 -45.74
CA VAL G 28 10.40 -2.32 -45.47
C VAL G 28 9.94 -3.18 -44.28
N SER G 29 9.81 -4.49 -44.50
CA SER G 29 9.30 -5.38 -43.47
C SER G 29 10.05 -6.68 -43.49
N GLY G 30 9.91 -7.44 -42.41
CA GLY G 30 10.35 -8.84 -42.36
C GLY G 30 11.81 -9.04 -42.07
N PHE G 31 12.49 -7.99 -41.58
CA PHE G 31 13.93 -7.99 -41.39
C PHE G 31 14.43 -8.05 -39.94
N HIS G 32 15.68 -8.46 -39.80
CA HIS G 32 16.36 -8.52 -38.53
C HIS G 32 17.85 -8.64 -38.83
N PRO G 33 18.71 -7.85 -38.16
CA PRO G 33 18.46 -6.90 -37.08
C PRO G 33 17.90 -5.57 -37.56
N SER G 34 17.60 -4.69 -36.61
CA SER G 34 16.86 -3.46 -36.87
C SER G 34 17.65 -2.33 -37.54
N ASP G 35 18.97 -2.36 -37.44
CA ASP G 35 19.81 -1.35 -38.12
C ASP G 35 19.52 -1.42 -39.59
N ILE G 36 19.14 -0.29 -40.16
CA ILE G 36 18.80 -0.25 -41.56
C ILE G 36 18.81 1.20 -42.01
N GLU G 37 19.06 1.38 -43.29
CA GLU G 37 19.05 2.68 -43.91
C GLU G 37 18.21 2.58 -45.16
N VAL G 38 17.27 3.51 -45.28
CA VAL G 38 16.37 3.56 -46.40
C VAL G 38 16.31 4.97 -46.90
N ASP G 39 16.65 5.16 -48.17
CA ASP G 39 16.62 6.47 -48.81
C ASP G 39 15.71 6.40 -50.01
N LEU G 40 15.06 7.53 -50.30
CA LEU G 40 14.23 7.66 -51.46
C LEU G 40 15.02 8.46 -52.50
N LEU G 41 14.87 8.09 -53.77
CA LEU G 41 15.66 8.66 -54.85
C LEU G 41 14.79 9.22 -55.98
N LYS G 42 15.11 10.45 -56.38
CA LYS G 42 14.52 11.12 -57.53
C LYS G 42 15.57 11.19 -58.62
N ASN G 43 15.29 10.59 -59.77
CA ASN G 43 16.26 10.57 -60.88
C ASN G 43 17.67 10.19 -60.43
N GLY G 44 17.75 9.17 -59.58
CA GLY G 44 19.01 8.66 -59.08
C GLY G 44 19.68 9.49 -57.99
N GLU G 45 18.98 10.50 -57.48
CA GLU G 45 19.56 11.37 -56.44
C GLU G 45 18.70 11.39 -55.17
N ARG G 46 19.39 11.47 -54.03
CA ARG G 46 18.79 11.29 -52.73
C ARG G 46 17.89 12.45 -52.37
N ILE G 47 16.65 12.13 -52.03
CA ILE G 47 15.71 13.12 -51.53
C ILE G 47 16.02 13.36 -50.06
N GLU G 48 16.00 14.62 -49.66
CA GLU G 48 16.60 15.04 -48.41
C GLU G 48 15.63 15.05 -47.23
N LYS G 49 14.38 15.44 -47.49
CA LYS G 49 13.36 15.44 -46.44
C LYS G 49 12.46 14.22 -46.55
N VAL G 50 12.99 13.08 -46.13
CA VAL G 50 12.25 11.84 -45.99
C VAL G 50 11.99 11.56 -44.51
N GLU G 51 10.73 11.36 -44.17
CA GLU G 51 10.37 10.94 -42.81
C GLU G 51 10.05 9.43 -42.74
N HIS G 52 9.98 8.90 -41.52
CA HIS G 52 9.63 7.49 -41.32
C HIS G 52 8.81 7.25 -40.06
N SER G 53 8.15 6.10 -40.04
CA SER G 53 7.36 5.68 -38.90
C SER G 53 8.26 5.14 -37.80
N ASP G 54 7.69 5.01 -36.61
CA ASP G 54 8.42 4.45 -35.47
C ASP G 54 8.58 2.95 -35.59
N LEU G 55 9.79 2.50 -35.38
CA LEU G 55 10.12 1.09 -35.47
C LEU G 55 9.18 0.23 -34.65
N SER G 56 8.57 -0.77 -35.29
CA SER G 56 7.71 -1.75 -34.61
C SER G 56 8.01 -3.11 -35.20
N PHE G 57 7.25 -4.15 -34.82
CA PHE G 57 7.55 -5.51 -35.30
C PHE G 57 6.38 -6.46 -35.23
N SER G 58 6.49 -7.57 -35.95
CA SER G 58 5.40 -8.51 -36.17
C SER G 58 5.50 -9.70 -35.26
N LYS G 59 4.52 -10.60 -35.35
CA LYS G 59 4.45 -11.79 -34.47
C LYS G 59 5.67 -12.68 -34.49
N ASP G 60 6.38 -12.73 -35.60
CA ASP G 60 7.64 -13.47 -35.68
C ASP G 60 8.89 -12.66 -35.25
N TRP G 61 8.65 -11.48 -34.67
CA TRP G 61 9.71 -10.51 -34.21
C TRP G 61 10.44 -9.78 -35.30
N SER G 62 10.09 -9.98 -36.57
CA SER G 62 10.74 -9.27 -37.65
C SER G 62 10.22 -7.84 -37.68
N PHE G 63 11.08 -6.87 -37.99
CA PHE G 63 10.72 -5.44 -37.96
C PHE G 63 10.13 -4.93 -39.26
N TYR G 64 9.37 -3.86 -39.13
CA TYR G 64 8.91 -3.10 -40.29
C TYR G 64 8.93 -1.59 -40.04
N LEU G 65 8.82 -0.83 -41.12
CA LEU G 65 9.12 0.60 -41.11
C LEU G 65 8.62 1.22 -42.42
N LEU G 66 7.97 2.38 -42.30
CA LEU G 66 7.54 3.11 -43.48
C LEU G 66 8.35 4.39 -43.60
N TYR G 67 8.98 4.57 -44.76
CA TYR G 67 9.64 5.82 -45.12
C TYR G 67 8.83 6.48 -46.22
N TYR G 68 8.71 7.80 -46.16
CA TYR G 68 7.86 8.51 -47.09
C TYR G 68 8.25 9.97 -47.24
N THR G 69 7.88 10.54 -48.39
CA THR G 69 8.09 11.95 -48.64
C THR G 69 6.96 12.50 -49.50
N GLU G 70 6.60 13.75 -49.26
CA GLU G 70 5.61 14.44 -50.10
C GLU G 70 6.23 14.77 -51.45
N PHE G 71 5.49 14.51 -52.53
CA PHE G 71 6.00 14.78 -53.87
C PHE G 71 4.90 15.01 -54.89
N THR G 72 5.31 15.51 -56.05
CA THR G 72 4.41 15.84 -57.15
C THR G 72 4.98 15.23 -58.42
N PRO G 73 4.38 14.13 -58.90
CA PRO G 73 4.99 13.40 -60.01
C PRO G 73 4.77 14.04 -61.39
N THR G 74 5.64 13.68 -62.33
CA THR G 74 5.54 14.14 -63.73
C THR G 74 5.99 12.97 -64.60
N GLU G 75 5.62 12.98 -65.88
CA GLU G 75 5.95 11.83 -66.74
C GLU G 75 7.48 11.64 -66.88
N LYS G 76 8.22 12.74 -66.85
CA LYS G 76 9.69 12.70 -66.91
C LYS G 76 10.35 11.94 -65.73
N ASP G 77 9.95 12.26 -64.51
CA ASP G 77 10.70 11.89 -63.30
C ASP G 77 10.57 10.43 -62.85
N GLU G 78 11.72 9.76 -62.67
CA GLU G 78 11.78 8.40 -62.16
C GLU G 78 12.06 8.42 -60.65
N TYR G 79 11.41 7.54 -59.90
CA TYR G 79 11.65 7.43 -58.47
C TYR G 79 12.10 6.02 -58.06
N ALA G 80 12.82 5.92 -56.96
CA ALA G 80 13.20 4.61 -56.42
C ALA G 80 13.45 4.64 -54.92
N CYS G 81 13.58 3.44 -54.37
CA CYS G 81 13.90 3.29 -52.97
C CYS G 81 15.17 2.47 -52.85
N ARG G 82 16.14 2.95 -52.07
CA ARG G 82 17.39 2.24 -51.81
C ARG G 82 17.48 1.77 -50.36
N VAL G 83 17.66 0.46 -50.18
CA VAL G 83 17.73 -0.15 -48.84
C VAL G 83 19.13 -0.68 -48.52
N ASN G 84 19.67 -0.25 -47.38
CA ASN G 84 20.94 -0.75 -46.87
C ASN G 84 20.76 -1.66 -45.65
N HIS G 85 21.18 -2.92 -45.76
CA HIS G 85 21.04 -3.89 -44.68
C HIS G 85 22.12 -4.97 -44.72
N VAL G 86 22.48 -5.47 -43.55
CA VAL G 86 23.56 -6.45 -43.39
C VAL G 86 23.35 -7.75 -44.18
N THR G 87 22.10 -8.12 -44.43
CA THR G 87 21.79 -9.35 -45.19
C THR G 87 21.89 -9.14 -46.70
N LEU G 88 22.17 -7.90 -47.11
CA LEU G 88 22.25 -7.54 -48.51
C LEU G 88 23.72 -7.39 -48.92
N SER G 89 24.11 -8.17 -49.93
CA SER G 89 25.43 -8.07 -50.57
C SER G 89 25.83 -6.60 -50.79
N GLN G 90 24.95 -5.88 -51.48
CA GLN G 90 25.09 -4.45 -51.72
C GLN G 90 23.71 -3.82 -51.54
N PRO G 91 23.65 -2.51 -51.35
CA PRO G 91 22.36 -1.90 -51.28
C PRO G 91 21.46 -2.32 -52.43
N LYS G 92 20.18 -2.58 -52.12
CA LYS G 92 19.20 -3.01 -53.10
C LYS G 92 18.29 -1.86 -53.46
N ILE G 93 18.06 -1.66 -54.76
CA ILE G 93 17.31 -0.52 -55.24
C ILE G 93 16.09 -1.03 -56.02
N VAL G 94 14.93 -0.46 -55.70
CA VAL G 94 13.65 -0.88 -56.27
C VAL G 94 12.96 0.31 -56.89
N LYS G 95 12.75 0.26 -58.20
CA LYS G 95 12.16 1.36 -58.94
C LYS G 95 10.68 1.41 -58.62
N TRP G 96 10.16 2.62 -58.47
CA TRP G 96 8.72 2.81 -58.39
C TRP G 96 8.10 2.54 -59.75
N ASP G 97 7.17 1.58 -59.78
CA ASP G 97 6.45 1.21 -60.99
C ASP G 97 5.08 1.88 -61.01
N ARG G 98 4.84 2.62 -62.08
CA ARG G 98 3.50 3.03 -62.48
C ARG G 98 3.56 2.92 -64.00
N ASP G 99 2.54 2.44 -64.68
CA ASP G 99 1.29 1.95 -64.09
C ASP G 99 1.46 0.48 -63.64
N MET G 100 1.24 0.20 -62.36
CA MET G 100 1.11 -1.18 -61.88
C MET G 100 -0.31 -1.66 -62.22
N MET H 1 -2.47 3.09 -21.70
CA MET H 1 -1.58 3.41 -20.55
C MET H 1 -0.67 2.23 -20.28
N LEU H 2 0.63 2.51 -20.20
CA LEU H 2 1.65 1.45 -20.14
C LEU H 2 1.96 0.98 -18.73
N ILE H 3 2.53 -0.23 -18.63
CA ILE H 3 2.71 -0.91 -17.33
C ILE H 3 3.81 -0.27 -16.51
N TYR H 4 3.55 -0.17 -15.21
CA TYR H 4 4.45 0.41 -14.24
C TYR H 4 5.41 -0.65 -13.66
N SER H 5 4.95 -1.89 -13.54
CA SER H 5 5.75 -2.98 -12.97
C SER H 5 6.78 -3.58 -13.94
N MET H 6 8.04 -3.62 -13.51
CA MET H 6 9.14 -4.12 -14.33
C MET H 6 10.17 -4.76 -13.38
N TRP H 7 10.93 -5.72 -13.90
CA TRP H 7 11.73 -6.64 -13.10
C TRP H 7 12.91 -7.09 -13.96
N GLY H 8 14.12 -7.01 -13.40
CA GLY H 8 15.31 -7.37 -14.13
C GLY H 8 15.28 -8.84 -14.54
N LYS H 9 16.01 -9.17 -15.60
CA LYS H 9 16.05 -10.54 -16.11
C LYS H 9 17.26 -11.28 -15.54
#